data_5UQV
#
_entry.id   5UQV
#
_cell.length_a   75.788
_cell.length_b   68.435
_cell.length_c   76.739
_cell.angle_alpha   90.000
_cell.angle_beta   95.450
_cell.angle_gamma   90.000
#
_symmetry.space_group_name_H-M   'P 1 21 1'
#
loop_
_entity.id
_entity.type
_entity.pdbx_description
1 polymer 'Ubiquitin carboxyl-terminal hydrolase 7'
2 non-polymer 4-[2-amino-4-ethyl-5-(1H-indazol-5-yl)pyridin-3-yl]phenol
#
_entity_poly.entity_id   1
_entity_poly.type   'polypeptide(L)'
_entity_poly.pdbx_seq_one_letter_code
;MGSSHHHHHHSSGLVPRGSHMKKHTGYVGLKNQGATCYMNSLLQTLFFTNQLRKAVYMMPTEGDDSSKSVPLALQRVFYE
LQHSDKPVGTKKLTKSFGWETLDSFMQHDVQELCRVLLDNVENKMKGTCVEGTIPKLFRGKMVSYIQCKEVDYRSDRRED
YYDIQLSIKGKKNIFESFVDYVAVEQLDGDNKYDAGEHGLQEAEKGVKFLTLPPVLHLQLMRFMYDPQTDQNIKINDRFE
FPEQLPLDEFLQKTDPKDPANYILHAVLVHSGDNHGGHYVVYLNPKGDGKWCKFDDDVVSRCTKEEAIEHNYGGHDDDLS
VRHCTNAYMLVYIRESKLSEVLQAVTDHDIPQQLVERLQEEKRIEAQK
;
_entity_poly.pdbx_strand_id   A,B
#
loop_
_chem_comp.id
_chem_comp.type
_chem_comp.name
_chem_comp.formula
8JM non-polymer 4-[2-amino-4-ethyl-5-(1H-indazol-5-yl)pyridin-3-yl]phenol 'C20 H18 N4 O'
#
# COMPACT_ATOMS: atom_id res chain seq x y z
N HIS A 24 -14.18 -24.80 -1.80
CA HIS A 24 -14.27 -24.38 -3.20
C HIS A 24 -14.05 -22.87 -3.39
N THR A 25 -14.32 -22.06 -2.35
CA THR A 25 -14.21 -20.59 -2.33
C THR A 25 -12.77 -20.11 -2.34
N GLY A 26 -11.90 -20.85 -1.65
CA GLY A 26 -10.48 -20.53 -1.47
C GLY A 26 -10.24 -19.87 -0.11
N TYR A 27 -11.32 -19.65 0.65
CA TYR A 27 -11.33 -19.04 1.97
C TYR A 27 -11.81 -20.04 3.02
N VAL A 28 -11.28 -19.93 4.24
CA VAL A 28 -11.63 -20.79 5.38
C VAL A 28 -12.48 -20.03 6.40
N GLY A 29 -13.24 -20.78 7.22
CA GLY A 29 -14.12 -20.22 8.24
C GLY A 29 -13.59 -20.30 9.66
N LEU A 30 -14.42 -19.85 10.61
CA LEU A 30 -14.11 -19.84 12.05
C LEU A 30 -15.04 -20.77 12.85
N LYS A 31 -14.52 -21.35 13.93
CA LYS A 31 -15.25 -22.27 14.80
C LYS A 31 -16.33 -21.57 15.62
N ASN A 32 -17.45 -22.28 15.87
CA ASN A 32 -18.52 -21.80 16.73
C ASN A 32 -18.11 -22.28 18.13
N GLN A 33 -17.52 -21.38 18.95
CA GLN A 33 -17.01 -21.73 20.29
C GLN A 33 -17.71 -20.97 21.43
N GLY A 34 -19.02 -20.74 21.26
CA GLY A 34 -19.85 -20.06 22.26
C GLY A 34 -20.74 -18.97 21.72
N ALA A 35 -21.29 -18.16 22.64
CA ALA A 35 -22.16 -17.04 22.31
C ALA A 35 -21.33 -15.80 21.94
N THR A 36 -20.35 -16.00 21.03
CA THR A 36 -19.43 -14.97 20.52
C THR A 36 -20.16 -13.96 19.65
N CYS A 37 -21.36 -14.34 19.14
CA CYS A 37 -22.23 -13.51 18.31
C CYS A 37 -21.51 -13.01 17.03
N TYR A 38 -21.44 -11.68 16.92
CA TYR A 38 -20.83 -10.88 15.85
C TYR A 38 -19.33 -11.05 15.69
N MET A 39 -18.65 -11.62 16.70
CA MET A 39 -17.20 -11.81 16.72
C MET A 39 -16.63 -12.46 15.45
N ASN A 40 -17.18 -13.62 15.04
CA ASN A 40 -16.73 -14.32 13.84
C ASN A 40 -16.93 -13.50 12.58
N SER A 41 -18.06 -12.76 12.52
CA SER A 41 -18.40 -11.87 11.41
C SER A 41 -17.41 -10.70 11.25
N LEU A 42 -16.99 -10.10 12.39
CA LEU A 42 -16.03 -9.00 12.40
C LEU A 42 -14.63 -9.49 12.06
N LEU A 43 -14.27 -10.67 12.55
CA LEU A 43 -12.97 -11.27 12.28
C LEU A 43 -12.70 -11.47 10.80
N GLN A 44 -13.71 -11.93 10.03
CA GLN A 44 -13.56 -12.12 8.58
C GLN A 44 -13.54 -10.76 7.88
N THR A 45 -14.34 -9.80 8.40
CA THR A 45 -14.43 -8.41 7.90
C THR A 45 -13.05 -7.72 7.97
N LEU A 46 -12.40 -7.75 9.16
CA LEU A 46 -11.08 -7.17 9.40
C LEU A 46 -9.97 -7.93 8.66
N PHE A 47 -10.05 -9.28 8.58
CA PHE A 47 -9.07 -10.10 7.86
C PHE A 47 -9.03 -9.71 6.39
N PHE A 48 -10.20 -9.51 5.77
CA PHE A 48 -10.33 -9.11 4.36
C PHE A 48 -10.11 -7.60 4.13
N THR A 49 -9.69 -6.86 5.17
CA THR A 49 -9.26 -5.46 5.08
C THR A 49 -7.73 -5.66 5.01
N ASN A 50 -7.26 -6.21 3.86
CA ASN A 50 -5.89 -6.61 3.55
C ASN A 50 -4.79 -5.66 4.05
N GLN A 51 -5.00 -4.33 3.94
CA GLN A 51 -4.03 -3.34 4.43
C GLN A 51 -3.88 -3.43 5.95
N LEU A 52 -5.00 -3.64 6.67
CA LEU A 52 -4.99 -3.83 8.14
C LEU A 52 -4.36 -5.19 8.48
N ARG A 53 -4.62 -6.24 7.67
CA ARG A 53 -4.05 -7.59 7.86
C ARG A 53 -2.49 -7.54 7.83
N LYS A 54 -1.92 -6.95 6.74
CA LYS A 54 -0.47 -6.75 6.53
C LYS A 54 0.15 -6.03 7.71
N ALA A 55 -0.50 -4.93 8.12
CA ALA A 55 -0.12 -4.08 9.24
C ALA A 55 -0.11 -4.87 10.55
N VAL A 56 -1.14 -5.72 10.78
CA VAL A 56 -1.28 -6.56 11.97
C VAL A 56 -0.10 -7.55 12.08
N TYR A 57 0.36 -8.09 10.94
CA TYR A 57 1.51 -8.99 10.87
C TYR A 57 2.83 -8.30 11.24
N MET A 58 2.93 -6.98 10.99
CA MET A 58 4.14 -6.20 11.24
C MET A 58 4.29 -5.75 12.69
N MET A 59 3.36 -6.15 13.57
CA MET A 59 3.39 -5.78 14.98
C MET A 59 4.52 -6.48 15.75
N PRO A 60 5.22 -5.77 16.66
CA PRO A 60 6.31 -6.42 17.42
C PRO A 60 5.79 -7.20 18.64
N THR A 61 5.34 -8.46 18.38
CA THR A 61 4.75 -9.36 19.38
C THR A 61 5.70 -10.47 19.90
N GLU A 62 6.97 -10.49 19.45
CA GLU A 62 7.97 -11.49 19.85
C GLU A 62 8.16 -11.64 21.37
N GLY A 63 8.12 -10.53 22.10
CA GLY A 63 8.29 -10.50 23.55
C GLY A 63 7.03 -10.63 24.37
N ASP A 64 5.87 -10.65 23.69
CA ASP A 64 4.55 -10.73 24.33
C ASP A 64 4.26 -12.08 24.98
N ASP A 65 3.21 -12.14 25.82
CA ASP A 65 2.75 -13.35 26.48
C ASP A 65 1.61 -13.97 25.64
N SER A 66 1.80 -15.23 25.18
CA SER A 66 0.90 -16.03 24.35
C SER A 66 -0.55 -16.14 24.85
N SER A 67 -0.84 -15.66 26.09
CA SER A 67 -2.17 -15.70 26.70
C SER A 67 -2.76 -14.29 26.93
N LYS A 68 -1.94 -13.34 27.43
CA LYS A 68 -2.37 -11.98 27.73
C LYS A 68 -2.44 -11.02 26.53
N SER A 69 -1.65 -11.29 25.47
CA SER A 69 -1.58 -10.43 24.29
C SER A 69 -2.74 -10.56 23.29
N VAL A 70 -3.52 -9.47 23.14
CA VAL A 70 -4.62 -9.35 22.17
C VAL A 70 -4.00 -9.15 20.76
N PRO A 71 -2.99 -8.26 20.55
CA PRO A 71 -2.42 -8.11 19.20
C PRO A 71 -1.85 -9.41 18.61
N LEU A 72 -1.16 -10.22 19.44
CA LEU A 72 -0.59 -11.52 19.04
C LEU A 72 -1.72 -12.51 18.73
N ALA A 73 -2.82 -12.48 19.50
CA ALA A 73 -4.00 -13.33 19.28
C ALA A 73 -4.68 -13.01 17.95
N LEU A 74 -4.71 -11.71 17.57
CA LEU A 74 -5.29 -11.23 16.31
C LEU A 74 -4.43 -11.64 15.10
N GLN A 75 -3.11 -11.79 15.31
CA GLN A 75 -2.16 -12.23 14.27
C GLN A 75 -2.35 -13.71 14.01
N ARG A 76 -2.52 -14.52 15.08
CA ARG A 76 -2.71 -15.97 15.04
C ARG A 76 -3.94 -16.34 14.19
N VAL A 77 -5.09 -15.66 14.46
CA VAL A 77 -6.36 -15.84 13.76
C VAL A 77 -6.16 -15.47 12.27
N PHE A 78 -5.48 -14.34 12.02
CA PHE A 78 -5.19 -13.84 10.68
C PHE A 78 -4.26 -14.76 9.89
N TYR A 79 -3.25 -15.36 10.56
CA TYR A 79 -2.30 -16.30 9.94
C TYR A 79 -3.04 -17.58 9.61
N GLU A 80 -3.79 -18.10 10.60
CA GLU A 80 -4.59 -19.32 10.46
C GLU A 80 -5.59 -19.17 9.30
N LEU A 81 -6.38 -18.08 9.27
CA LEU A 81 -7.33 -17.82 8.18
C LEU A 81 -6.68 -17.82 6.80
N GLN A 82 -5.40 -17.37 6.71
CA GLN A 82 -4.63 -17.30 5.48
C GLN A 82 -4.01 -18.65 5.03
N HIS A 83 -3.76 -19.59 5.96
CA HIS A 83 -3.12 -20.86 5.61
C HIS A 83 -3.95 -22.13 5.86
N SER A 84 -4.63 -22.22 7.02
CA SER A 84 -5.44 -23.37 7.45
C SER A 84 -6.59 -23.74 6.52
N ASP A 85 -6.71 -25.04 6.22
CA ASP A 85 -7.79 -25.61 5.42
C ASP A 85 -8.95 -25.96 6.37
N LYS A 86 -8.64 -26.17 7.66
CA LYS A 86 -9.58 -26.51 8.73
C LYS A 86 -10.13 -25.24 9.46
N PRO A 87 -11.39 -25.29 9.99
CA PRO A 87 -11.94 -24.10 10.69
C PRO A 87 -11.10 -23.59 11.85
N VAL A 88 -10.77 -22.29 11.79
CA VAL A 88 -9.94 -21.57 12.74
C VAL A 88 -10.60 -21.41 14.13
N GLY A 89 -9.81 -21.59 15.18
CA GLY A 89 -10.23 -21.42 16.57
C GLY A 89 -9.96 -20.02 17.09
N THR A 90 -10.87 -19.50 17.94
CA THR A 90 -10.79 -18.15 18.51
C THR A 90 -10.69 -18.13 20.05
N LYS A 91 -10.42 -19.29 20.66
CA LYS A 91 -10.33 -19.46 22.12
C LYS A 91 -9.25 -18.61 22.79
N LYS A 92 -8.08 -18.46 22.12
CA LYS A 92 -6.97 -17.65 22.63
C LYS A 92 -7.26 -16.15 22.55
N LEU A 93 -8.11 -15.74 21.57
CA LEU A 93 -8.51 -14.35 21.37
C LEU A 93 -9.48 -13.93 22.48
N THR A 94 -10.60 -14.68 22.64
CA THR A 94 -11.64 -14.42 23.66
C THR A 94 -11.08 -14.27 25.08
N LYS A 95 -10.02 -15.04 25.41
CA LYS A 95 -9.34 -15.02 26.70
C LYS A 95 -8.54 -13.73 26.91
N SER A 96 -7.74 -13.32 25.89
CA SER A 96 -6.84 -12.17 25.95
C SER A 96 -7.52 -10.81 26.22
N PHE A 97 -8.78 -10.58 25.78
CA PHE A 97 -9.44 -9.30 26.07
C PHE A 97 -10.53 -9.40 27.15
N GLY A 98 -10.58 -10.55 27.83
CA GLY A 98 -11.45 -10.80 28.96
C GLY A 98 -12.94 -10.91 28.76
N TRP A 99 -13.39 -11.40 27.59
CA TRP A 99 -14.81 -11.62 27.33
C TRP A 99 -15.03 -13.14 27.32
N GLU A 100 -15.00 -13.72 28.52
CA GLU A 100 -15.11 -15.16 28.73
C GLU A 100 -16.40 -15.59 29.45
N THR A 101 -17.24 -14.63 29.89
CA THR A 101 -18.50 -14.95 30.58
C THR A 101 -19.57 -15.40 29.58
N LEU A 102 -20.53 -16.21 30.07
CA LEU A 102 -21.66 -16.81 29.36
C LEU A 102 -22.39 -15.86 28.40
N ASP A 103 -22.60 -14.60 28.84
CA ASP A 103 -23.30 -13.55 28.07
C ASP A 103 -22.43 -12.29 27.83
N SER A 104 -21.08 -12.41 27.96
CA SER A 104 -20.15 -11.29 27.76
C SER A 104 -20.35 -10.54 26.44
N PHE A 105 -20.55 -11.28 25.32
CA PHE A 105 -20.78 -10.68 24.01
C PHE A 105 -22.17 -10.10 23.86
N MET A 106 -23.16 -10.65 24.61
CA MET A 106 -24.56 -10.18 24.60
C MET A 106 -24.75 -8.86 25.33
N GLN A 107 -23.87 -8.56 26.28
CA GLN A 107 -23.86 -7.32 27.06
C GLN A 107 -23.29 -6.15 26.23
N HIS A 108 -22.51 -6.46 25.17
CA HIS A 108 -21.88 -5.47 24.30
C HIS A 108 -22.38 -5.54 22.84
N ASP A 109 -21.81 -4.70 21.95
CA ASP A 109 -22.12 -4.63 20.51
C ASP A 109 -20.87 -4.81 19.65
N VAL A 110 -21.06 -5.04 18.33
CA VAL A 110 -19.99 -5.23 17.35
C VAL A 110 -19.06 -4.01 17.28
N GLN A 111 -19.63 -2.80 17.44
CA GLN A 111 -18.92 -1.52 17.47
C GLN A 111 -17.95 -1.45 18.66
N GLU A 112 -18.33 -2.01 19.82
CA GLU A 112 -17.49 -2.04 21.02
C GLU A 112 -16.34 -3.02 20.87
N LEU A 113 -16.60 -4.21 20.28
CA LEU A 113 -15.60 -5.24 20.06
C LEU A 113 -14.53 -4.76 19.09
N CYS A 114 -14.95 -4.10 17.99
CA CYS A 114 -14.07 -3.55 16.95
C CYS A 114 -13.22 -2.43 17.52
N ARG A 115 -13.83 -1.53 18.33
CA ARG A 115 -13.14 -0.42 18.99
C ARG A 115 -12.03 -0.97 19.90
N VAL A 116 -12.34 -2.01 20.72
CA VAL A 116 -11.41 -2.68 21.63
C VAL A 116 -10.28 -3.40 20.85
N LEU A 117 -10.64 -4.23 19.85
CA LEU A 117 -9.67 -4.95 19.02
C LEU A 117 -8.70 -3.98 18.30
N LEU A 118 -9.24 -2.97 17.59
CA LEU A 118 -8.43 -2.02 16.82
C LEU A 118 -7.63 -1.03 17.68
N ASP A 119 -8.03 -0.84 18.95
CA ASP A 119 -7.30 0.03 19.86
C ASP A 119 -6.03 -0.68 20.30
N ASN A 120 -6.08 -2.02 20.38
CA ASN A 120 -4.94 -2.84 20.77
C ASN A 120 -3.92 -2.94 19.64
N VAL A 121 -4.38 -3.13 18.39
CA VAL A 121 -3.48 -3.24 17.23
C VAL A 121 -2.85 -1.87 16.86
N GLU A 122 -3.58 -0.74 17.04
CA GLU A 122 -3.04 0.61 16.75
C GLU A 122 -2.06 1.05 17.85
N ASN A 123 -2.36 0.68 19.11
CA ASN A 123 -1.51 0.95 20.27
C ASN A 123 -0.18 0.19 20.12
N LYS A 124 -0.24 -1.06 19.60
CA LYS A 124 0.92 -1.92 19.35
C LYS A 124 1.69 -1.49 18.08
N MET A 125 1.13 -0.56 17.30
CA MET A 125 1.75 -0.06 16.08
C MET A 125 2.59 1.21 16.32
N LYS A 126 2.48 1.81 17.53
CA LYS A 126 3.24 3.01 17.92
C LYS A 126 4.74 2.75 17.86
N GLY A 127 5.45 3.65 17.19
CA GLY A 127 6.89 3.56 17.02
C GLY A 127 7.30 2.78 15.79
N THR A 128 6.44 1.86 15.31
CA THR A 128 6.71 1.03 14.13
C THR A 128 6.51 1.81 12.82
N CYS A 129 6.92 1.20 11.69
CA CYS A 129 6.81 1.79 10.35
C CYS A 129 5.36 1.85 9.91
N VAL A 130 4.55 0.94 10.45
CA VAL A 130 3.14 0.78 10.13
C VAL A 130 2.22 1.52 11.15
N GLU A 131 2.80 2.50 11.89
CA GLU A 131 2.07 3.35 12.86
C GLU A 131 1.08 4.25 12.12
N GLY A 132 -0.15 4.30 12.65
CA GLY A 132 -1.24 5.11 12.14
C GLY A 132 -2.09 4.46 11.06
N THR A 133 -2.06 3.11 10.97
CA THR A 133 -2.83 2.33 9.99
C THR A 133 -4.33 2.52 10.22
N ILE A 134 -4.79 2.44 11.50
CA ILE A 134 -6.18 2.59 11.90
C ILE A 134 -6.68 4.00 11.51
N PRO A 135 -6.10 5.15 11.94
CA PRO A 135 -6.61 6.44 11.45
C PRO A 135 -6.55 6.61 9.92
N LYS A 136 -5.53 6.02 9.25
CA LYS A 136 -5.36 6.10 7.79
C LYS A 136 -6.54 5.42 7.07
N LEU A 137 -7.05 4.30 7.61
CA LEU A 137 -8.15 3.54 7.02
C LEU A 137 -9.53 3.94 7.52
N PHE A 138 -9.66 4.28 8.81
CA PHE A 138 -10.95 4.54 9.44
C PHE A 138 -11.27 5.99 9.81
N ARG A 139 -10.26 6.88 9.97
CA ARG A 139 -10.55 8.28 10.35
C ARG A 139 -11.19 9.11 9.24
N GLY A 140 -12.28 9.74 9.61
CA GLY A 140 -13.01 10.69 8.78
C GLY A 140 -13.08 11.99 9.55
N LYS A 141 -13.26 13.12 8.84
CA LYS A 141 -13.34 14.44 9.47
C LYS A 141 -14.77 14.96 9.41
N MET A 142 -15.29 15.36 10.59
CA MET A 142 -16.65 15.85 10.81
C MET A 142 -16.63 17.24 11.48
N VAL A 143 -17.78 17.98 11.41
CA VAL A 143 -17.97 19.30 12.05
C VAL A 143 -19.36 19.37 12.68
N SER A 144 -19.39 19.49 14.01
CA SER A 144 -20.61 19.62 14.80
C SER A 144 -20.80 21.14 15.05
N TYR A 145 -21.97 21.70 14.69
CA TYR A 145 -22.23 23.13 14.86
C TYR A 145 -23.51 23.47 15.63
N ILE A 146 -23.48 24.62 16.34
CA ILE A 146 -24.63 25.17 17.06
C ILE A 146 -24.68 26.66 16.68
N GLN A 147 -25.59 27.03 15.76
CA GLN A 147 -25.74 28.43 15.33
C GLN A 147 -27.04 29.01 15.91
N CYS A 148 -26.90 30.08 16.72
CA CYS A 148 -28.02 30.79 17.34
C CYS A 148 -28.85 31.54 16.30
N LYS A 149 -30.19 31.49 16.42
CA LYS A 149 -31.11 32.14 15.49
C LYS A 149 -31.15 33.68 15.66
N GLU A 150 -31.56 34.16 16.86
CA GLU A 150 -31.68 35.59 17.21
C GLU A 150 -30.34 36.27 17.53
N VAL A 151 -29.30 35.48 17.87
CA VAL A 151 -27.97 35.98 18.26
C VAL A 151 -26.88 35.56 17.24
N ASP A 152 -25.88 36.42 17.01
CA ASP A 152 -24.78 36.14 16.08
C ASP A 152 -23.63 35.40 16.79
N TYR A 153 -23.90 34.16 17.22
CA TYR A 153 -22.93 33.28 17.87
C TYR A 153 -23.02 31.86 17.31
N ARG A 154 -21.86 31.29 16.93
CA ARG A 154 -21.74 29.94 16.38
C ARG A 154 -20.60 29.17 17.06
N SER A 155 -20.90 27.94 17.50
CA SER A 155 -19.91 27.05 18.13
C SER A 155 -19.58 25.88 17.20
N ASP A 156 -18.46 26.00 16.46
CA ASP A 156 -17.98 24.99 15.51
C ASP A 156 -16.99 24.05 16.19
N ARG A 157 -17.35 22.76 16.26
CA ARG A 157 -16.55 21.72 16.90
C ARG A 157 -16.15 20.63 15.90
N ARG A 158 -14.93 20.74 15.31
CA ARG A 158 -14.39 19.74 14.37
C ARG A 158 -14.15 18.46 15.17
N GLU A 159 -14.76 17.36 14.71
CA GLU A 159 -14.65 16.07 15.35
C GLU A 159 -14.06 15.03 14.41
N ASP A 160 -13.50 13.95 14.99
CA ASP A 160 -12.97 12.80 14.28
C ASP A 160 -13.95 11.63 14.46
N TYR A 161 -14.13 10.84 13.41
CA TYR A 161 -15.03 9.69 13.46
C TYR A 161 -14.40 8.48 12.79
N TYR A 162 -14.74 7.28 13.27
CA TYR A 162 -14.16 6.05 12.72
C TYR A 162 -15.23 5.12 12.14
N ASP A 163 -16.51 5.51 12.30
CA ASP A 163 -17.71 4.82 11.81
C ASP A 163 -18.90 5.79 11.87
N ILE A 164 -20.03 5.41 11.23
CA ILE A 164 -21.25 6.22 11.20
C ILE A 164 -22.41 5.39 11.71
N GLN A 165 -23.11 5.85 12.75
CA GLN A 165 -24.28 5.18 13.31
C GLN A 165 -25.51 5.73 12.61
N LEU A 166 -26.11 4.95 11.72
CA LEU A 166 -27.28 5.35 10.95
C LEU A 166 -28.58 4.83 11.55
N SER A 167 -29.57 5.74 11.74
CA SER A 167 -30.90 5.37 12.23
C SER A 167 -31.65 4.73 11.06
N ILE A 168 -32.33 3.60 11.31
CA ILE A 168 -33.04 2.90 10.24
C ILE A 168 -34.57 3.06 10.33
N LYS A 169 -35.11 3.30 11.56
CA LYS A 169 -36.56 3.46 11.79
C LYS A 169 -37.11 4.67 11.05
N GLY A 170 -38.02 4.40 10.12
CA GLY A 170 -38.66 5.40 9.27
C GLY A 170 -37.98 5.55 7.93
N LYS A 171 -36.64 5.43 7.89
CA LYS A 171 -35.81 5.56 6.69
C LYS A 171 -35.86 4.27 5.85
N LYS A 172 -35.98 4.42 4.51
CA LYS A 172 -36.06 3.29 3.58
C LYS A 172 -34.70 2.83 3.03
N ASN A 173 -33.68 3.73 3.04
CA ASN A 173 -32.34 3.48 2.51
C ASN A 173 -31.23 4.31 3.15
N ILE A 174 -29.96 3.99 2.79
CA ILE A 174 -28.73 4.65 3.26
C ILE A 174 -28.77 6.16 2.98
N PHE A 175 -29.23 6.56 1.77
CA PHE A 175 -29.37 7.96 1.37
C PHE A 175 -30.23 8.76 2.37
N GLU A 176 -31.42 8.21 2.69
CA GLU A 176 -32.36 8.80 3.65
C GLU A 176 -31.76 8.86 5.06
N SER A 177 -30.97 7.84 5.45
CA SER A 177 -30.29 7.77 6.75
C SER A 177 -29.21 8.84 6.82
N PHE A 178 -28.51 9.09 5.70
CA PHE A 178 -27.48 10.13 5.62
C PHE A 178 -28.14 11.51 5.62
N VAL A 179 -29.32 11.64 4.95
CA VAL A 179 -30.13 12.87 4.89
C VAL A 179 -30.56 13.24 6.31
N ASP A 180 -31.03 12.26 7.11
CA ASP A 180 -31.44 12.42 8.50
C ASP A 180 -30.24 12.71 9.42
N TYR A 181 -29.06 12.13 9.12
CA TYR A 181 -27.84 12.31 9.90
C TYR A 181 -27.37 13.76 9.83
N VAL A 182 -27.30 14.33 8.60
CA VAL A 182 -26.88 15.72 8.36
C VAL A 182 -28.01 16.76 8.62
N ALA A 183 -29.24 16.28 8.86
CA ALA A 183 -30.40 17.13 9.12
C ALA A 183 -30.23 17.99 10.36
N VAL A 184 -30.76 19.22 10.28
CA VAL A 184 -30.72 20.24 11.33
C VAL A 184 -31.76 19.96 12.44
N GLU A 185 -31.31 20.04 13.70
CA GLU A 185 -32.11 19.88 14.92
C GLU A 185 -32.48 21.26 15.46
N GLN A 186 -33.71 21.40 16.01
CA GLN A 186 -34.18 22.69 16.55
C GLN A 186 -34.11 22.70 18.08
N LEU A 187 -33.32 23.63 18.63
CA LEU A 187 -33.15 23.78 20.06
C LEU A 187 -34.10 24.88 20.56
N ASP A 188 -35.34 24.48 20.88
CA ASP A 188 -36.42 25.37 21.29
C ASP A 188 -36.99 25.02 22.67
N GLY A 189 -37.63 26.01 23.29
CA GLY A 189 -38.30 25.93 24.59
C GLY A 189 -37.52 25.30 25.72
N ASP A 190 -37.94 24.09 26.12
CA ASP A 190 -37.34 23.30 27.20
C ASP A 190 -35.90 22.86 26.88
N ASN A 191 -35.61 22.58 25.59
CA ASN A 191 -34.27 22.17 25.15
C ASN A 191 -33.52 23.31 24.45
N LYS A 192 -33.58 24.51 25.05
CA LYS A 192 -32.91 25.71 24.55
C LYS A 192 -31.40 25.62 24.78
N TYR A 193 -30.60 26.31 23.94
CA TYR A 193 -29.14 26.27 24.00
C TYR A 193 -28.53 27.34 24.89
N ASP A 194 -27.61 26.91 25.77
CA ASP A 194 -26.87 27.78 26.68
C ASP A 194 -25.79 28.50 25.87
N ALA A 195 -26.14 29.70 25.35
CA ALA A 195 -25.24 30.54 24.54
C ALA A 195 -24.26 31.37 25.39
N GLY A 196 -24.08 30.95 26.66
CA GLY A 196 -23.19 31.55 27.63
C GLY A 196 -23.55 32.96 28.01
N GLU A 197 -22.79 33.94 27.47
CA GLU A 197 -22.97 35.37 27.69
C GLU A 197 -24.28 35.91 27.07
N HIS A 198 -24.83 35.20 26.08
CA HIS A 198 -26.07 35.57 25.38
C HIS A 198 -27.31 34.91 26.01
N GLY A 199 -27.09 34.16 27.07
CA GLY A 199 -28.15 33.46 27.81
C GLY A 199 -28.70 32.27 27.06
N LEU A 200 -29.93 31.85 27.42
CA LEU A 200 -30.60 30.74 26.75
C LEU A 200 -31.12 31.26 25.42
N GLN A 201 -30.62 30.67 24.33
CA GLN A 201 -30.98 31.08 22.98
C GLN A 201 -31.51 29.94 22.14
N GLU A 202 -32.47 30.26 21.25
CA GLU A 202 -33.04 29.30 20.32
C GLU A 202 -32.03 29.14 19.19
N ALA A 203 -31.55 27.90 18.98
CA ALA A 203 -30.50 27.62 18.00
C ALA A 203 -30.74 26.37 17.15
N GLU A 204 -29.89 26.21 16.11
CA GLU A 204 -29.92 25.08 15.18
C GLU A 204 -28.64 24.24 15.32
N LYS A 205 -28.80 22.93 15.59
CA LYS A 205 -27.68 21.98 15.76
C LYS A 205 -27.65 20.96 14.61
N GLY A 206 -26.48 20.76 14.02
CA GLY A 206 -26.30 19.79 12.94
C GLY A 206 -24.87 19.30 12.77
N VAL A 207 -24.68 18.30 11.89
CA VAL A 207 -23.35 17.77 11.57
C VAL A 207 -23.09 17.92 10.07
N LYS A 208 -21.85 18.20 9.70
CA LYS A 208 -21.43 18.37 8.31
C LYS A 208 -20.16 17.58 8.07
N PHE A 209 -20.14 16.78 6.98
CA PHE A 209 -19.01 15.93 6.64
C PHE A 209 -17.91 16.67 5.90
N LEU A 210 -16.66 16.56 6.41
CA LEU A 210 -15.50 17.20 5.79
C LEU A 210 -14.83 16.20 4.85
N THR A 211 -14.55 14.98 5.37
CA THR A 211 -13.95 13.86 4.62
C THR A 211 -14.58 12.53 5.06
N LEU A 212 -14.52 11.52 4.18
CA LEU A 212 -14.99 10.16 4.45
C LEU A 212 -13.77 9.25 4.40
N PRO A 213 -13.66 8.23 5.29
CA PRO A 213 -12.43 7.41 5.32
C PRO A 213 -12.33 6.40 4.18
N PRO A 214 -11.13 5.84 3.86
CA PRO A 214 -11.06 4.81 2.80
C PRO A 214 -11.91 3.57 3.13
N VAL A 215 -11.97 3.21 4.43
CA VAL A 215 -12.77 2.08 4.92
C VAL A 215 -13.95 2.64 5.72
N LEU A 216 -15.15 2.55 5.14
CA LEU A 216 -16.38 3.06 5.74
C LEU A 216 -17.17 1.96 6.43
N HIS A 217 -17.27 2.04 7.76
CA HIS A 217 -18.05 1.10 8.58
C HIS A 217 -19.34 1.78 9.01
N LEU A 218 -20.46 1.26 8.50
CA LEU A 218 -21.77 1.83 8.76
C LEU A 218 -22.56 0.95 9.69
N GLN A 219 -22.83 1.46 10.90
CA GLN A 219 -23.63 0.73 11.88
C GLN A 219 -25.09 1.09 11.70
N LEU A 220 -25.90 0.09 11.37
CA LEU A 220 -27.33 0.29 11.15
C LEU A 220 -28.01 0.05 12.47
N MET A 221 -28.56 1.12 13.08
CA MET A 221 -29.23 1.13 14.37
C MET A 221 -30.54 0.32 14.34
N ARG A 222 -30.41 -1.01 14.29
CA ARG A 222 -31.54 -1.95 14.31
C ARG A 222 -31.84 -2.33 15.77
N PHE A 223 -30.79 -2.38 16.58
CA PHE A 223 -30.86 -2.72 18.00
C PHE A 223 -30.96 -1.46 18.85
N MET A 224 -32.21 -0.98 19.02
CA MET A 224 -32.63 0.22 19.78
C MET A 224 -31.99 1.51 19.27
N ILE A 233 -34.35 -4.23 22.36
CA ILE A 233 -35.28 -4.36 21.24
C ILE A 233 -34.57 -4.44 19.89
N LYS A 234 -35.17 -5.13 18.89
CA LYS A 234 -34.59 -5.32 17.56
C LYS A 234 -35.62 -5.03 16.43
N ILE A 235 -35.34 -3.96 15.65
CA ILE A 235 -36.14 -3.49 14.51
C ILE A 235 -35.77 -4.33 13.27
N ASN A 236 -36.76 -4.86 12.54
CA ASN A 236 -36.55 -5.70 11.35
C ASN A 236 -37.16 -5.12 10.06
N ASP A 237 -37.51 -3.82 10.08
CA ASP A 237 -38.10 -3.10 8.95
C ASP A 237 -37.17 -3.13 7.73
N ARG A 238 -37.75 -3.13 6.51
CA ARG A 238 -36.99 -3.13 5.26
C ARG A 238 -36.11 -1.89 5.17
N PHE A 239 -34.80 -2.11 4.94
CA PHE A 239 -33.78 -1.08 4.81
C PHE A 239 -32.82 -1.41 3.67
N GLU A 240 -32.82 -0.58 2.63
CA GLU A 240 -32.03 -0.78 1.42
C GLU A 240 -30.65 -0.11 1.46
N PHE A 241 -29.65 -0.80 0.90
CA PHE A 241 -28.30 -0.30 0.76
C PHE A 241 -27.79 -0.66 -0.64
N PRO A 242 -27.10 0.26 -1.36
CA PRO A 242 -26.63 -0.09 -2.71
C PRO A 242 -25.27 -0.81 -2.75
N GLU A 243 -24.90 -1.31 -3.94
CA GLU A 243 -23.60 -1.94 -4.19
C GLU A 243 -22.60 -0.79 -4.34
N GLN A 244 -23.04 0.32 -4.98
CA GLN A 244 -22.26 1.54 -5.21
C GLN A 244 -22.95 2.70 -4.50
N LEU A 245 -22.24 3.37 -3.57
CA LEU A 245 -22.79 4.47 -2.76
C LEU A 245 -22.09 5.83 -3.03
N PRO A 246 -22.76 6.76 -3.76
CA PRO A 246 -22.16 8.08 -4.00
C PRO A 246 -22.43 9.01 -2.82
N LEU A 247 -21.38 9.43 -2.10
CA LEU A 247 -21.55 10.25 -0.90
C LEU A 247 -21.04 11.70 -1.04
N ASP A 248 -20.61 12.10 -2.25
CA ASP A 248 -20.11 13.44 -2.58
C ASP A 248 -21.11 14.55 -2.21
N GLU A 249 -22.43 14.28 -2.39
CA GLU A 249 -23.50 15.24 -2.09
C GLU A 249 -23.65 15.54 -0.59
N PHE A 250 -22.99 14.76 0.30
CA PHE A 250 -23.03 14.97 1.75
C PHE A 250 -21.78 15.69 2.29
N LEU A 251 -20.76 15.88 1.43
CA LEU A 251 -19.53 16.56 1.78
C LEU A 251 -19.72 18.07 1.63
N GLN A 252 -18.95 18.88 2.39
CA GLN A 252 -19.01 20.33 2.31
C GLN A 252 -18.37 20.78 0.98
N LYS A 253 -17.18 20.25 0.64
CA LYS A 253 -16.45 20.53 -0.59
C LYS A 253 -16.03 19.20 -1.25
N THR A 254 -16.30 19.08 -2.56
CA THR A 254 -15.99 17.87 -3.34
C THR A 254 -14.72 18.02 -4.18
N ASP A 255 -13.96 16.92 -4.31
CA ASP A 255 -12.73 16.85 -5.10
C ASP A 255 -13.07 16.21 -6.45
N PRO A 256 -12.76 16.86 -7.60
CA PRO A 256 -13.06 16.25 -8.90
C PRO A 256 -12.18 15.04 -9.23
N LYS A 257 -10.92 15.06 -8.74
CA LYS A 257 -9.94 13.97 -8.95
C LYS A 257 -10.17 12.78 -8.01
N ASP A 258 -10.95 12.97 -6.91
CA ASP A 258 -11.26 11.93 -5.92
C ASP A 258 -12.73 12.02 -5.41
N PRO A 259 -13.73 11.54 -6.19
CA PRO A 259 -15.12 11.59 -5.68
C PRO A 259 -15.36 10.57 -4.56
N ALA A 260 -16.41 10.82 -3.74
CA ALA A 260 -16.76 9.96 -2.62
C ALA A 260 -17.67 8.79 -3.03
N ASN A 261 -17.21 8.00 -4.02
CA ASN A 261 -17.92 6.82 -4.51
C ASN A 261 -17.43 5.61 -3.73
N TYR A 262 -18.36 4.92 -3.04
CA TYR A 262 -18.05 3.79 -2.17
C TYR A 262 -18.56 2.49 -2.72
N ILE A 263 -17.73 1.44 -2.60
CA ILE A 263 -18.00 0.09 -3.08
C ILE A 263 -18.30 -0.83 -1.90
N LEU A 264 -19.51 -1.45 -1.90
CA LEU A 264 -19.89 -2.37 -0.85
C LEU A 264 -18.96 -3.59 -0.82
N HIS A 265 -18.35 -3.84 0.34
CA HIS A 265 -17.38 -4.91 0.58
C HIS A 265 -17.94 -6.01 1.50
N ALA A 266 -18.51 -5.62 2.66
CA ALA A 266 -19.05 -6.58 3.63
C ALA A 266 -20.45 -6.24 4.09
N VAL A 267 -21.26 -7.28 4.32
CA VAL A 267 -22.64 -7.18 4.81
C VAL A 267 -22.76 -8.08 6.04
N LEU A 268 -22.69 -7.49 7.26
CA LEU A 268 -22.83 -8.23 8.52
C LEU A 268 -24.32 -8.42 8.81
N VAL A 269 -24.77 -9.70 8.83
CA VAL A 269 -26.18 -10.09 8.97
C VAL A 269 -26.51 -10.76 10.31
N HIS A 270 -27.78 -10.62 10.75
CA HIS A 270 -28.35 -11.22 11.95
C HIS A 270 -29.79 -11.72 11.72
N SER A 271 -30.09 -12.94 12.19
CA SER A 271 -31.42 -13.56 12.11
C SER A 271 -32.02 -13.66 13.53
N GLY A 272 -33.13 -12.96 13.76
CA GLY A 272 -33.81 -12.95 15.06
C GLY A 272 -34.78 -11.80 15.29
N ASP A 273 -35.42 -11.79 16.50
CA ASP A 273 -36.40 -10.78 16.92
C ASP A 273 -36.04 -10.22 18.31
N ASN A 274 -35.85 -11.12 19.28
CA ASN A 274 -35.49 -10.85 20.68
C ASN A 274 -34.56 -11.97 21.17
N HIS A 275 -34.86 -13.22 20.76
CA HIS A 275 -34.16 -14.45 21.11
C HIS A 275 -33.69 -15.22 19.86
N GLY A 276 -32.84 -16.24 20.08
CA GLY A 276 -32.29 -17.13 19.06
C GLY A 276 -31.65 -16.42 17.88
N GLY A 277 -30.55 -15.72 18.14
CA GLY A 277 -29.83 -14.95 17.13
C GLY A 277 -28.68 -15.66 16.46
N HIS A 278 -28.69 -15.69 15.11
CA HIS A 278 -27.61 -16.28 14.29
C HIS A 278 -26.93 -15.19 13.46
N TYR A 279 -25.59 -15.09 13.58
CA TYR A 279 -24.75 -14.09 12.92
C TYR A 279 -23.92 -14.68 11.78
N VAL A 280 -24.06 -14.10 10.58
CA VAL A 280 -23.35 -14.49 9.35
C VAL A 280 -22.81 -13.20 8.68
N VAL A 281 -21.74 -13.32 7.86
CA VAL A 281 -21.17 -12.18 7.13
C VAL A 281 -20.97 -12.53 5.64
N TYR A 282 -21.34 -11.59 4.78
CA TYR A 282 -21.19 -11.71 3.33
C TYR A 282 -20.05 -10.79 2.91
N LEU A 283 -19.15 -11.28 2.07
CA LEU A 283 -17.99 -10.53 1.59
C LEU A 283 -17.68 -10.87 0.15
N ASN A 284 -17.17 -9.88 -0.60
CA ASN A 284 -16.59 -10.04 -1.93
C ASN A 284 -15.16 -9.55 -1.66
N PRO A 285 -14.29 -10.44 -1.09
CA PRO A 285 -12.96 -10.00 -0.61
C PRO A 285 -12.09 -9.17 -1.55
N LYS A 286 -12.14 -9.45 -2.86
CA LYS A 286 -11.35 -8.75 -3.87
C LYS A 286 -12.02 -7.46 -4.36
N GLY A 287 -13.28 -7.24 -4.00
CA GLY A 287 -14.05 -6.07 -4.40
C GLY A 287 -14.53 -6.15 -5.85
N ASP A 288 -14.49 -7.37 -6.41
CA ASP A 288 -14.84 -7.72 -7.79
C ASP A 288 -16.33 -8.06 -8.00
N GLY A 289 -17.10 -8.08 -6.93
CA GLY A 289 -18.52 -8.38 -6.98
C GLY A 289 -18.85 -9.86 -6.94
N LYS A 290 -17.82 -10.70 -6.71
CA LYS A 290 -17.99 -12.14 -6.59
C LYS A 290 -18.04 -12.43 -5.09
N TRP A 291 -19.26 -12.60 -4.58
CA TRP A 291 -19.56 -12.77 -3.16
C TRP A 291 -19.45 -14.20 -2.63
N CYS A 292 -19.29 -14.31 -1.30
CA CYS A 292 -19.22 -15.54 -0.51
C CYS A 292 -19.98 -15.32 0.80
N LYS A 293 -20.66 -16.37 1.29
CA LYS A 293 -21.37 -16.40 2.57
C LYS A 293 -20.39 -17.03 3.58
N PHE A 294 -20.08 -16.32 4.69
CA PHE A 294 -19.19 -16.79 5.75
C PHE A 294 -20.00 -17.13 7.00
N ASP A 295 -20.63 -18.32 6.96
CA ASP A 295 -21.44 -18.84 8.06
C ASP A 295 -20.54 -19.72 8.91
N ASP A 296 -19.95 -19.13 9.96
CA ASP A 296 -19.01 -19.74 10.90
C ASP A 296 -17.92 -20.56 10.20
N ASP A 297 -18.01 -21.91 10.20
CA ASP A 297 -17.05 -22.83 9.57
C ASP A 297 -17.36 -23.15 8.10
N VAL A 298 -18.60 -22.84 7.66
CA VAL A 298 -19.06 -23.09 6.28
C VAL A 298 -18.97 -21.82 5.44
N VAL A 299 -18.04 -21.82 4.46
CA VAL A 299 -17.79 -20.72 3.52
C VAL A 299 -18.16 -21.22 2.12
N SER A 300 -19.26 -20.67 1.58
CA SER A 300 -19.80 -21.05 0.27
C SER A 300 -20.03 -19.82 -0.61
N ARG A 301 -19.83 -19.97 -1.93
CA ARG A 301 -20.07 -18.90 -2.90
C ARG A 301 -21.57 -18.58 -2.96
N CYS A 302 -21.93 -17.30 -3.02
CA CYS A 302 -23.32 -16.88 -3.10
C CYS A 302 -23.50 -15.83 -4.19
N THR A 303 -24.77 -15.54 -4.55
CA THR A 303 -25.12 -14.53 -5.55
C THR A 303 -25.04 -13.12 -4.90
N LYS A 304 -25.13 -12.04 -5.71
CA LYS A 304 -25.16 -10.65 -5.21
C LYS A 304 -26.43 -10.42 -4.41
N GLU A 305 -27.51 -11.06 -4.87
CA GLU A 305 -28.86 -11.03 -4.33
C GLU A 305 -28.88 -11.52 -2.87
N GLU A 306 -28.26 -12.69 -2.61
CA GLU A 306 -28.17 -13.32 -1.29
C GLU A 306 -27.43 -12.43 -0.28
N ALA A 307 -26.41 -11.70 -0.77
CA ALA A 307 -25.54 -10.82 0.00
C ALA A 307 -26.11 -9.43 0.22
N ILE A 308 -26.74 -8.85 -0.82
CA ILE A 308 -27.31 -7.50 -0.78
C ILE A 308 -28.83 -7.55 -0.50
N GLU A 309 -29.64 -7.66 -1.58
CA GLU A 309 -31.10 -7.63 -1.63
C GLU A 309 -31.83 -8.48 -0.57
N HIS A 310 -31.36 -9.72 -0.34
CA HIS A 310 -31.96 -10.65 0.60
C HIS A 310 -31.76 -10.22 2.06
N ASN A 311 -30.82 -9.29 2.31
CA ASN A 311 -30.51 -8.81 3.66
C ASN A 311 -31.05 -7.39 3.91
N TYR A 312 -32.08 -7.00 3.14
CA TYR A 312 -32.78 -5.73 3.29
C TYR A 312 -33.83 -5.81 4.39
N GLY A 313 -34.42 -7.00 4.57
CA GLY A 313 -35.46 -7.27 5.57
C GLY A 313 -36.86 -6.93 5.10
N GLY A 314 -37.83 -6.98 6.02
CA GLY A 314 -39.23 -6.67 5.74
C GLY A 314 -40.19 -7.85 5.78
N HIS A 315 -41.31 -7.74 5.00
CA HIS A 315 -42.40 -8.72 4.86
C HIS A 315 -43.08 -9.07 6.18
N HIS A 323 -40.00 -14.02 6.15
CA HIS A 323 -38.84 -14.45 6.93
C HIS A 323 -38.17 -13.29 7.68
N CYS A 324 -37.24 -13.62 8.61
CA CYS A 324 -36.54 -12.62 9.44
C CYS A 324 -35.01 -12.70 9.30
N THR A 325 -34.45 -11.90 8.37
CA THR A 325 -33.01 -11.82 8.06
C THR A 325 -32.69 -10.41 7.52
N ASN A 326 -31.72 -9.71 8.16
CA ASN A 326 -31.33 -8.35 7.77
C ASN A 326 -29.91 -7.95 8.19
N ALA A 327 -29.35 -6.93 7.52
CA ALA A 327 -28.01 -6.41 7.80
C ALA A 327 -28.03 -5.47 8.98
N TYR A 328 -27.04 -5.57 9.89
CA TYR A 328 -26.92 -4.68 11.05
C TYR A 328 -25.69 -3.76 10.92
N MET A 329 -24.67 -4.19 10.15
CA MET A 329 -23.46 -3.43 9.90
C MET A 329 -22.99 -3.61 8.45
N LEU A 330 -22.56 -2.51 7.81
CA LEU A 330 -22.09 -2.53 6.44
C LEU A 330 -20.68 -1.98 6.29
N VAL A 331 -19.91 -2.53 5.35
CA VAL A 331 -18.55 -2.07 5.06
C VAL A 331 -18.47 -1.66 3.60
N TYR A 332 -18.11 -0.39 3.38
CA TYR A 332 -17.92 0.20 2.05
C TYR A 332 -16.47 0.63 1.93
N ILE A 333 -15.85 0.45 0.76
CA ILE A 333 -14.47 0.90 0.50
C ILE A 333 -14.52 1.91 -0.63
N ARG A 334 -13.84 3.07 -0.47
CA ARG A 334 -13.76 4.14 -1.50
C ARG A 334 -13.13 3.58 -2.76
N GLU A 335 -13.77 3.83 -3.92
CA GLU A 335 -13.33 3.35 -5.24
C GLU A 335 -11.85 3.63 -5.53
N SER A 336 -11.37 4.83 -5.16
CA SER A 336 -9.98 5.26 -5.35
C SER A 336 -9.00 4.50 -4.45
N LYS A 337 -9.46 4.05 -3.27
CA LYS A 337 -8.62 3.34 -2.30
C LYS A 337 -8.81 1.81 -2.33
N LEU A 338 -9.75 1.32 -3.15
CA LEU A 338 -10.09 -0.10 -3.34
C LEU A 338 -8.84 -0.98 -3.53
N SER A 339 -7.98 -0.62 -4.50
CA SER A 339 -6.73 -1.33 -4.84
C SER A 339 -5.66 -1.35 -3.75
N GLU A 340 -5.54 -0.27 -2.97
CA GLU A 340 -4.57 -0.14 -1.89
C GLU A 340 -5.05 -0.89 -0.66
N VAL A 341 -6.33 -0.68 -0.26
CA VAL A 341 -6.94 -1.35 0.92
C VAL A 341 -6.94 -2.85 0.69
N LEU A 342 -7.37 -3.28 -0.51
CA LEU A 342 -7.46 -4.70 -0.87
C LEU A 342 -6.23 -5.20 -1.65
N GLN A 343 -5.02 -4.69 -1.29
CA GLN A 343 -3.73 -5.09 -1.86
C GLN A 343 -3.46 -6.58 -1.59
N ALA A 344 -2.79 -7.27 -2.52
CA ALA A 344 -2.51 -8.70 -2.38
C ALA A 344 -1.61 -9.02 -1.18
N VAL A 345 -2.02 -10.01 -0.36
CA VAL A 345 -1.25 -10.47 0.80
C VAL A 345 -0.74 -11.90 0.52
N THR A 346 0.59 -12.08 0.64
CA THR A 346 1.28 -13.36 0.42
C THR A 346 1.93 -13.86 1.70
N ASP A 347 2.56 -15.06 1.65
CA ASP A 347 3.26 -15.68 2.79
C ASP A 347 4.47 -14.82 3.18
N HIS A 348 5.06 -14.10 2.18
CA HIS A 348 6.23 -13.23 2.34
C HIS A 348 5.91 -11.93 3.08
N ASP A 349 4.60 -11.58 3.18
CA ASP A 349 4.12 -10.39 3.90
C ASP A 349 4.04 -10.65 5.42
N ILE A 350 4.26 -11.92 5.84
CA ILE A 350 4.27 -12.33 7.25
C ILE A 350 5.73 -12.52 7.67
N PRO A 351 6.22 -11.81 8.72
CA PRO A 351 7.62 -11.96 9.14
C PRO A 351 7.94 -13.37 9.63
N GLN A 352 9.19 -13.83 9.41
CA GLN A 352 9.66 -15.16 9.82
C GLN A 352 9.51 -15.41 11.33
N GLN A 353 9.77 -14.38 12.16
CA GLN A 353 9.63 -14.41 13.62
C GLN A 353 8.21 -14.79 14.05
N LEU A 354 7.19 -14.27 13.32
CA LEU A 354 5.77 -14.56 13.58
C LEU A 354 5.46 -16.02 13.23
N VAL A 355 5.86 -16.44 12.00
CA VAL A 355 5.67 -17.79 11.47
C VAL A 355 6.28 -18.83 12.42
N GLU A 356 7.57 -18.63 12.80
CA GLU A 356 8.31 -19.49 13.72
C GLU A 356 7.57 -19.71 15.04
N ARG A 357 6.99 -18.64 15.62
CA ARG A 357 6.27 -18.70 16.89
C ARG A 357 4.95 -19.48 16.77
N LEU A 358 4.17 -19.21 15.73
CA LEU A 358 2.88 -19.87 15.51
C LEU A 358 3.03 -21.32 15.07
N GLN A 359 4.15 -21.65 14.36
CA GLN A 359 4.47 -23.01 13.94
C GLN A 359 4.83 -23.84 15.18
N GLU A 360 5.59 -23.24 16.12
CA GLU A 360 5.98 -23.86 17.39
C GLU A 360 4.75 -24.16 18.24
N GLU A 361 3.79 -23.20 18.28
CA GLU A 361 2.52 -23.30 19.00
C GLU A 361 1.67 -24.46 18.47
N LYS A 362 1.73 -24.69 17.14
CA LYS A 362 1.04 -25.78 16.45
C LYS A 362 1.67 -27.11 16.82
N ARG A 363 3.02 -27.14 16.94
CA ARG A 363 3.80 -28.33 17.32
C ARG A 363 3.48 -28.78 18.75
N ILE A 364 3.38 -27.81 19.70
CA ILE A 364 3.06 -28.04 21.11
C ILE A 364 1.66 -28.70 21.26
N GLU A 365 0.65 -28.14 20.55
CA GLU A 365 -0.73 -28.64 20.56
C GLU A 365 -0.88 -29.98 19.82
N ALA A 366 0.01 -30.28 18.86
CA ALA A 366 0.05 -31.54 18.11
C ALA A 366 0.47 -32.73 19.00
N GLN A 367 1.11 -32.44 20.15
CA GLN A 367 1.55 -33.42 21.15
C GLN A 367 0.39 -33.80 22.07
N HIS B 24 -0.47 21.17 -16.51
CA HIS B 24 -1.68 20.42 -16.81
C HIS B 24 -1.63 18.96 -16.33
N THR B 25 -0.40 18.40 -16.17
CA THR B 25 -0.12 17.02 -15.74
C THR B 25 -0.42 16.78 -14.26
N GLY B 26 -0.16 17.80 -13.43
CA GLY B 26 -0.30 17.76 -11.98
C GLY B 26 1.02 17.51 -11.30
N TYR B 27 2.09 17.31 -12.11
CA TYR B 27 3.46 17.04 -11.68
C TYR B 27 4.39 18.17 -12.10
N VAL B 28 5.42 18.45 -11.30
CA VAL B 28 6.41 19.49 -11.55
C VAL B 28 7.75 18.87 -11.98
N GLY B 29 8.58 19.65 -12.67
CA GLY B 29 9.89 19.23 -13.16
C GLY B 29 11.08 19.73 -12.37
N LEU B 30 12.29 19.41 -12.85
CA LEU B 30 13.56 19.78 -12.23
C LEU B 30 14.38 20.71 -13.12
N LYS B 31 15.15 21.61 -12.51
CA LYS B 31 15.97 22.59 -13.20
C LYS B 31 17.18 21.96 -13.90
N ASN B 32 17.56 22.53 -15.06
CA ASN B 32 18.75 22.13 -15.81
C ASN B 32 19.87 22.99 -15.20
N GLN B 33 20.66 22.39 -14.27
CA GLN B 33 21.73 23.12 -13.56
C GLN B 33 23.14 22.56 -13.83
N GLY B 34 23.34 22.08 -15.05
CA GLY B 34 24.62 21.54 -15.50
C GLY B 34 24.54 20.21 -16.23
N ALA B 35 25.70 19.58 -16.39
CA ALA B 35 25.84 18.28 -17.04
C ALA B 35 25.54 17.15 -16.03
N THR B 36 24.39 17.28 -15.33
CA THR B 36 23.88 16.32 -14.32
C THR B 36 23.45 15.02 -14.99
N CYS B 37 23.21 15.06 -16.33
CA CYS B 37 22.82 13.92 -17.17
C CYS B 37 21.54 13.25 -16.66
N TYR B 38 21.67 11.96 -16.33
CA TYR B 38 20.67 11.03 -15.82
C TYR B 38 20.07 11.41 -14.46
N MET B 39 20.75 12.30 -13.70
CA MET B 39 20.34 12.73 -12.36
C MET B 39 18.87 13.15 -12.25
N ASN B 40 18.40 14.06 -13.13
CA ASN B 40 17.01 14.53 -13.12
C ASN B 40 16.04 13.39 -13.41
N SER B 41 16.42 12.49 -14.33
CA SER B 41 15.64 11.32 -14.73
C SER B 41 15.46 10.32 -13.55
N LEU B 42 16.53 10.08 -12.78
CA LEU B 42 16.52 9.19 -11.62
C LEU B 42 15.72 9.80 -10.48
N LEU B 43 15.86 11.11 -10.27
CA LEU B 43 15.14 11.83 -9.23
C LEU B 43 13.63 11.71 -9.35
N GLN B 44 13.09 11.80 -10.58
CA GLN B 44 11.65 11.65 -10.80
C GLN B 44 11.25 10.19 -10.65
N THR B 45 12.13 9.26 -11.08
CA THR B 45 11.96 7.80 -10.98
C THR B 45 11.79 7.39 -9.50
N LEU B 46 12.73 7.80 -8.62
CA LEU B 46 12.73 7.51 -7.19
C LEU B 46 11.59 8.24 -6.45
N PHE B 47 11.28 9.50 -6.86
CA PHE B 47 10.18 10.27 -6.25
C PHE B 47 8.86 9.55 -6.45
N PHE B 48 8.62 9.02 -7.67
CA PHE B 48 7.39 8.28 -8.01
C PHE B 48 7.41 6.81 -7.54
N THR B 49 8.43 6.41 -6.75
CA THR B 49 8.50 5.13 -6.06
C THR B 49 7.98 5.55 -4.66
N ASN B 50 6.68 5.87 -4.58
CA ASN B 50 5.95 6.40 -3.43
C ASN B 50 6.32 5.79 -2.07
N GLN B 51 6.53 4.45 -2.01
CA GLN B 51 6.92 3.77 -0.77
C GLN B 51 8.29 4.24 -0.30
N LEU B 52 9.25 4.45 -1.25
CA LEU B 52 10.59 4.97 -0.96
C LEU B 52 10.49 6.45 -0.57
N ARG B 53 9.59 7.23 -1.22
CA ARG B 53 9.36 8.65 -0.91
C ARG B 53 8.93 8.84 0.56
N LYS B 54 7.87 8.09 1.01
CA LYS B 54 7.33 8.10 2.37
C LYS B 54 8.43 7.77 3.39
N ALA B 55 9.24 6.74 3.09
CA ALA B 55 10.37 6.26 3.89
C ALA B 55 11.47 7.32 4.00
N VAL B 56 11.74 8.02 2.89
CA VAL B 56 12.73 9.09 2.82
C VAL B 56 12.33 10.25 3.77
N TYR B 57 11.03 10.57 3.85
CA TYR B 57 10.49 11.60 4.74
C TYR B 57 10.65 11.23 6.22
N MET B 58 10.66 9.93 6.54
CA MET B 58 10.75 9.42 7.92
C MET B 58 12.19 9.37 8.47
N MET B 59 13.17 9.84 7.68
CA MET B 59 14.57 9.84 8.08
C MET B 59 14.87 10.88 9.18
N PRO B 60 15.72 10.55 10.18
CA PRO B 60 16.01 11.51 11.25
C PRO B 60 17.12 12.50 10.86
N THR B 61 16.73 13.55 10.12
CA THR B 61 17.65 14.56 9.62
C THR B 61 17.65 15.90 10.38
N GLU B 62 16.93 15.98 11.52
CA GLU B 62 16.83 17.20 12.35
C GLU B 62 18.19 17.73 12.85
N GLY B 63 19.11 16.84 13.20
CA GLY B 63 20.44 17.20 13.69
C GLY B 63 21.53 17.32 12.64
N ASP B 64 21.20 17.00 11.38
CA ASP B 64 22.12 17.02 10.25
C ASP B 64 22.54 18.42 9.83
N ASP B 65 23.58 18.51 8.98
CA ASP B 65 24.09 19.77 8.42
C ASP B 65 23.46 19.95 7.03
N SER B 66 22.74 21.07 6.85
CA SER B 66 22.02 21.50 5.63
C SER B 66 22.85 21.47 4.33
N SER B 67 24.18 21.28 4.42
CA SER B 67 25.10 21.24 3.28
C SER B 67 25.74 19.87 3.08
N LYS B 68 26.19 19.21 4.17
CA LYS B 68 26.87 17.91 4.12
C LYS B 68 25.93 16.70 4.00
N SER B 69 24.67 16.83 4.46
CA SER B 69 23.70 15.74 4.45
C SER B 69 23.04 15.44 3.11
N VAL B 70 23.34 14.24 2.57
CA VAL B 70 22.77 13.66 1.34
C VAL B 70 21.30 13.22 1.62
N PRO B 71 20.97 12.53 2.77
CA PRO B 71 19.57 12.16 3.04
C PRO B 71 18.61 13.34 3.16
N LEU B 72 19.05 14.43 3.82
CA LEU B 72 18.27 15.66 4.01
C LEU B 72 18.06 16.36 2.65
N ALA B 73 19.09 16.33 1.77
CA ALA B 73 19.03 16.91 0.44
C ALA B 73 18.00 16.18 -0.44
N LEU B 74 17.90 14.85 -0.28
CA LEU B 74 16.96 13.99 -1.01
C LEU B 74 15.51 14.22 -0.56
N GLN B 75 15.33 14.63 0.71
CA GLN B 75 14.02 14.94 1.29
C GLN B 75 13.53 16.27 0.74
N ARG B 76 14.43 17.27 0.65
CA ARG B 76 14.16 18.63 0.14
C ARG B 76 13.62 18.57 -1.29
N VAL B 77 14.30 17.82 -2.17
CA VAL B 77 13.92 17.61 -3.58
C VAL B 77 12.55 16.93 -3.65
N PHE B 78 12.35 15.90 -2.82
CA PHE B 78 11.10 15.13 -2.73
C PHE B 78 9.93 15.97 -2.21
N TYR B 79 10.18 16.86 -1.23
CA TYR B 79 9.18 17.78 -0.66
C TYR B 79 8.81 18.81 -1.71
N GLU B 80 9.83 19.41 -2.33
CA GLU B 80 9.67 20.42 -3.38
C GLU B 80 8.88 19.85 -4.55
N LEU B 81 9.26 18.66 -5.08
CA LEU B 81 8.54 18.01 -6.18
C LEU B 81 7.05 17.77 -5.85
N GLN B 82 6.73 17.53 -4.56
CA GLN B 82 5.38 17.29 -4.07
C GLN B 82 4.52 18.55 -3.88
N HIS B 83 5.16 19.73 -3.63
CA HIS B 83 4.40 20.96 -3.37
C HIS B 83 4.61 22.10 -4.38
N SER B 84 5.87 22.35 -4.81
CA SER B 84 6.27 23.43 -5.72
C SER B 84 5.62 23.37 -7.10
N ASP B 85 5.13 24.54 -7.56
CA ASP B 85 4.53 24.73 -8.88
C ASP B 85 5.67 25.10 -9.86
N LYS B 86 6.77 25.65 -9.32
CA LYS B 86 7.97 26.10 -10.05
C LYS B 86 9.02 24.97 -10.15
N PRO B 87 9.85 24.93 -11.24
CA PRO B 87 10.87 23.87 -11.37
C PRO B 87 11.84 23.79 -10.20
N VAL B 88 11.96 22.59 -9.62
CA VAL B 88 12.78 22.26 -8.46
C VAL B 88 14.29 22.34 -8.74
N GLY B 89 15.05 22.89 -7.80
CA GLY B 89 16.50 23.00 -7.86
C GLY B 89 17.20 21.84 -7.18
N THR B 90 18.33 21.41 -7.75
CA THR B 90 19.11 20.26 -7.26
C THR B 90 20.54 20.63 -6.81
N LYS B 91 20.84 21.94 -6.67
CA LYS B 91 22.15 22.47 -6.30
C LYS B 91 22.65 21.98 -4.94
N LYS B 92 21.74 21.88 -3.94
CA LYS B 92 22.10 21.40 -2.59
C LYS B 92 22.38 19.89 -2.56
N LEU B 93 21.77 19.13 -3.49
CA LEU B 93 21.96 17.70 -3.62
C LEU B 93 23.34 17.42 -4.21
N THR B 94 23.65 17.98 -5.40
CA THR B 94 24.93 17.80 -6.11
C THR B 94 26.16 18.11 -5.23
N LYS B 95 26.03 19.10 -4.32
CA LYS B 95 27.08 19.50 -3.39
C LYS B 95 27.32 18.45 -2.30
N SER B 96 26.23 17.94 -1.68
CA SER B 96 26.27 16.99 -0.55
C SER B 96 27.00 15.67 -0.85
N PHE B 97 26.93 15.13 -2.09
CA PHE B 97 27.64 13.86 -2.37
C PHE B 97 28.92 14.04 -3.21
N GLY B 98 29.35 15.30 -3.34
CA GLY B 98 30.61 15.68 -3.99
C GLY B 98 30.77 15.49 -5.48
N TRP B 99 29.68 15.61 -6.25
CA TRP B 99 29.76 15.52 -7.72
C TRP B 99 29.50 16.93 -8.26
N GLU B 100 30.50 17.81 -8.09
CA GLU B 100 30.43 19.21 -8.47
C GLU B 100 31.32 19.60 -9.66
N THR B 101 32.16 18.67 -10.16
CA THR B 101 33.05 18.96 -11.29
C THR B 101 32.29 18.95 -12.63
N LEU B 102 32.82 19.69 -13.62
CA LEU B 102 32.31 19.88 -14.98
C LEU B 102 31.82 18.59 -15.65
N ASP B 103 32.56 17.49 -15.47
CA ASP B 103 32.26 16.18 -16.06
C ASP B 103 32.07 15.06 -15.01
N SER B 104 31.82 15.42 -13.72
CA SER B 104 31.63 14.46 -12.63
C SER B 104 30.57 13.37 -12.94
N PHE B 105 29.42 13.77 -13.54
CA PHE B 105 28.37 12.85 -13.91
C PHE B 105 28.71 12.02 -15.15
N MET B 106 29.57 12.56 -16.05
CA MET B 106 30.01 11.90 -17.27
C MET B 106 31.01 10.78 -17.01
N GLN B 107 31.75 10.88 -15.90
CA GLN B 107 32.74 9.89 -15.45
C GLN B 107 32.04 8.65 -14.83
N HIS B 108 30.77 8.81 -14.39
CA HIS B 108 29.97 7.75 -13.77
C HIS B 108 28.72 7.38 -14.58
N ASP B 109 27.89 6.45 -14.05
CA ASP B 109 26.63 5.99 -14.65
C ASP B 109 25.44 6.15 -13.70
N VAL B 110 24.20 6.02 -14.21
CA VAL B 110 22.95 6.13 -13.46
C VAL B 110 22.88 5.09 -12.32
N GLN B 111 23.43 3.88 -12.57
CA GLN B 111 23.52 2.77 -11.62
C GLN B 111 24.39 3.16 -10.41
N GLU B 112 25.48 3.92 -10.64
CA GLU B 112 26.40 4.37 -9.58
C GLU B 112 25.75 5.46 -8.74
N LEU B 113 24.99 6.37 -9.38
CA LEU B 113 24.29 7.47 -8.70
C LEU B 113 23.18 6.91 -7.80
N CYS B 114 22.44 5.93 -8.31
CA CYS B 114 21.34 5.27 -7.60
C CYS B 114 21.86 4.45 -6.43
N ARG B 115 23.03 3.78 -6.60
CA ARG B 115 23.69 2.98 -5.55
C ARG B 115 24.16 3.91 -4.41
N VAL B 116 24.79 5.06 -4.75
CA VAL B 116 25.27 6.07 -3.79
C VAL B 116 24.11 6.73 -3.03
N LEU B 117 23.08 7.21 -3.76
CA LEU B 117 21.92 7.85 -3.16
C LEU B 117 21.14 6.90 -2.22
N LEU B 118 20.85 5.66 -2.68
CA LEU B 118 20.09 4.68 -1.90
C LEU B 118 20.90 4.06 -0.75
N ASP B 119 22.25 4.14 -0.79
CA ASP B 119 23.13 3.68 0.29
C ASP B 119 23.21 4.77 1.35
N ASN B 120 23.03 6.04 0.94
CA ASN B 120 23.04 7.19 1.84
C ASN B 120 21.74 7.21 2.65
N VAL B 121 20.59 6.92 2.00
CA VAL B 121 19.28 6.89 2.65
C VAL B 121 19.12 5.63 3.51
N GLU B 122 19.59 4.46 3.02
CA GLU B 122 19.48 3.20 3.77
C GLU B 122 20.36 3.22 5.03
N ASN B 123 21.58 3.78 4.94
CA ASN B 123 22.47 3.89 6.10
C ASN B 123 21.88 4.85 7.15
N LYS B 124 21.14 5.89 6.68
CA LYS B 124 20.47 6.87 7.53
C LYS B 124 19.24 6.24 8.18
N MET B 125 18.64 5.26 7.48
CA MET B 125 17.46 4.52 7.92
C MET B 125 17.76 3.52 9.03
N LYS B 126 19.06 3.21 9.26
CA LYS B 126 19.48 2.26 10.30
C LYS B 126 19.07 2.72 11.71
N GLY B 127 18.43 1.81 12.44
CA GLY B 127 17.91 2.07 13.78
C GLY B 127 16.48 2.56 13.81
N THR B 128 16.00 3.16 12.71
CA THR B 128 14.64 3.68 12.58
C THR B 128 13.63 2.56 12.31
N CYS B 129 12.33 2.91 12.35
CA CYS B 129 11.21 2.01 12.11
C CYS B 129 11.15 1.61 10.64
N VAL B 130 11.64 2.50 9.78
CA VAL B 130 11.64 2.35 8.33
C VAL B 130 12.98 1.77 7.79
N GLU B 131 13.79 1.13 8.68
CA GLU B 131 15.04 0.48 8.32
C GLU B 131 14.76 -0.73 7.41
N GLY B 132 15.49 -0.82 6.30
CA GLY B 132 15.35 -1.92 5.36
C GLY B 132 14.36 -1.75 4.25
N THR B 133 13.94 -0.50 3.97
CA THR B 133 13.01 -0.13 2.88
C THR B 133 13.63 -0.51 1.53
N ILE B 134 14.93 -0.20 1.35
CA ILE B 134 15.71 -0.46 0.15
C ILE B 134 15.73 -1.98 -0.13
N PRO B 135 16.21 -2.90 0.76
CA PRO B 135 16.10 -4.34 0.44
C PRO B 135 14.66 -4.84 0.21
N LYS B 136 13.67 -4.28 0.91
CA LYS B 136 12.26 -4.64 0.76
C LYS B 136 11.74 -4.37 -0.67
N LEU B 137 12.17 -3.26 -1.28
CA LEU B 137 11.76 -2.85 -2.62
C LEU B 137 12.66 -3.34 -3.75
N PHE B 138 13.99 -3.38 -3.51
CA PHE B 138 14.98 -3.68 -4.55
C PHE B 138 15.69 -5.04 -4.44
N ARG B 139 15.74 -5.69 -3.26
CA ARG B 139 16.44 -6.98 -3.15
C ARG B 139 15.70 -8.15 -3.83
N GLY B 140 16.46 -8.82 -4.68
CA GLY B 140 16.06 -10.03 -5.40
C GLY B 140 17.05 -11.12 -5.07
N LYS B 141 16.60 -12.39 -5.10
CA LYS B 141 17.46 -13.55 -4.81
C LYS B 141 17.85 -14.31 -6.06
N MET B 142 19.16 -14.48 -6.23
CA MET B 142 19.78 -15.17 -7.36
C MET B 142 20.55 -16.39 -6.81
N VAL B 143 20.91 -17.32 -7.71
CA VAL B 143 21.75 -18.50 -7.43
C VAL B 143 22.74 -18.66 -8.56
N SER B 144 24.03 -18.51 -8.26
CA SER B 144 25.12 -18.67 -9.20
C SER B 144 25.67 -20.10 -8.96
N TYR B 145 25.68 -20.93 -10.01
CA TYR B 145 26.12 -22.33 -9.90
C TYR B 145 27.29 -22.66 -10.81
N ILE B 146 28.13 -23.61 -10.35
CA ILE B 146 29.26 -24.15 -11.09
C ILE B 146 29.17 -25.68 -10.95
N GLN B 147 28.67 -26.36 -12.01
CA GLN B 147 28.55 -27.83 -12.01
C GLN B 147 29.62 -28.43 -12.93
N CYS B 148 30.50 -29.27 -12.35
CA CYS B 148 31.57 -29.96 -13.07
C CYS B 148 31.00 -31.02 -14.01
N LYS B 149 31.56 -31.12 -15.22
CA LYS B 149 31.12 -32.07 -16.25
C LYS B 149 31.56 -33.52 -15.93
N GLU B 150 32.88 -33.77 -15.85
CA GLU B 150 33.50 -35.09 -15.58
C GLU B 150 33.47 -35.50 -14.10
N VAL B 151 33.29 -34.54 -13.18
CA VAL B 151 33.27 -34.77 -11.74
C VAL B 151 31.89 -34.44 -11.12
N ASP B 152 31.47 -35.22 -10.09
CA ASP B 152 30.20 -34.99 -9.40
C ASP B 152 30.34 -33.97 -8.24
N TYR B 153 30.62 -32.72 -8.61
CA TYR B 153 30.76 -31.60 -7.67
C TYR B 153 30.04 -30.36 -8.19
N ARG B 154 29.21 -29.74 -7.34
CA ARG B 154 28.45 -28.53 -7.65
C ARG B 154 28.58 -27.49 -6.54
N SER B 155 28.90 -26.23 -6.93
CA SER B 155 29.03 -25.11 -6.00
C SER B 155 27.89 -24.13 -6.20
N ASP B 156 26.85 -24.22 -5.34
CA ASP B 156 25.68 -23.35 -5.38
C ASP B 156 25.88 -22.16 -4.44
N ARG B 157 25.93 -20.94 -5.02
CA ARG B 157 26.17 -19.69 -4.28
C ARG B 157 24.99 -18.72 -4.43
N ARG B 158 24.11 -18.71 -3.41
CA ARG B 158 22.95 -17.82 -3.38
C ARG B 158 23.47 -16.38 -3.25
N GLU B 159 23.05 -15.53 -4.17
CA GLU B 159 23.46 -14.12 -4.22
C GLU B 159 22.25 -13.20 -4.13
N ASP B 160 22.49 -11.95 -3.74
CA ASP B 160 21.50 -10.88 -3.65
C ASP B 160 21.76 -9.89 -4.78
N TYR B 161 20.70 -9.34 -5.38
CA TYR B 161 20.83 -8.35 -6.43
C TYR B 161 19.82 -7.25 -6.22
N TYR B 162 20.11 -6.03 -6.70
CA TYR B 162 19.22 -4.89 -6.55
C TYR B 162 18.76 -4.29 -7.89
N ASP B 163 19.33 -4.83 -8.99
CA ASP B 163 19.05 -4.47 -10.37
C ASP B 163 19.58 -5.59 -11.29
N ILE B 164 19.21 -5.56 -12.58
CA ILE B 164 19.67 -6.55 -13.56
C ILE B 164 20.30 -5.80 -14.75
N GLN B 165 21.56 -6.12 -15.07
CA GLN B 165 22.27 -5.51 -16.20
C GLN B 165 22.09 -6.40 -17.41
N LEU B 166 21.21 -5.98 -18.34
CA LEU B 166 20.87 -6.74 -19.54
C LEU B 166 21.69 -6.30 -20.76
N SER B 167 22.30 -7.29 -21.47
CA SER B 167 23.05 -7.04 -22.70
C SER B 167 22.03 -6.82 -23.82
N ILE B 168 22.23 -5.79 -24.64
CA ILE B 168 21.28 -5.48 -25.71
C ILE B 168 21.81 -5.86 -27.11
N LYS B 169 23.16 -5.88 -27.29
CA LYS B 169 23.79 -6.21 -28.58
C LYS B 169 23.47 -7.64 -29.02
N GLY B 170 22.78 -7.74 -30.16
CA GLY B 170 22.35 -9.01 -30.72
C GLY B 170 20.92 -9.37 -30.36
N LYS B 171 20.51 -9.04 -29.11
CA LYS B 171 19.17 -9.32 -28.57
C LYS B 171 18.16 -8.29 -29.08
N LYS B 172 16.96 -8.78 -29.46
CA LYS B 172 15.89 -7.94 -30.01
C LYS B 172 14.92 -7.41 -28.95
N ASN B 173 14.82 -8.09 -27.77
CA ASN B 173 13.90 -7.77 -26.68
C ASN B 173 14.37 -8.22 -25.29
N ILE B 174 13.63 -7.80 -24.24
CA ILE B 174 13.88 -8.13 -22.83
C ILE B 174 13.90 -9.65 -22.60
N PHE B 175 12.96 -10.39 -23.22
CA PHE B 175 12.88 -11.86 -23.13
C PHE B 175 14.21 -12.51 -23.55
N GLU B 176 14.74 -12.12 -24.72
CA GLU B 176 16.01 -12.61 -25.26
C GLU B 176 17.19 -12.23 -24.37
N SER B 177 17.15 -11.02 -23.77
CA SER B 177 18.17 -10.53 -22.83
C SER B 177 18.16 -11.37 -21.55
N PHE B 178 16.96 -11.76 -21.09
CA PHE B 178 16.81 -12.61 -19.90
C PHE B 178 17.24 -14.04 -20.23
N VAL B 179 16.96 -14.52 -21.47
CA VAL B 179 17.36 -15.84 -21.98
C VAL B 179 18.90 -15.94 -21.99
N ASP B 180 19.58 -14.87 -22.47
CA ASP B 180 21.03 -14.75 -22.52
C ASP B 180 21.62 -14.62 -21.12
N TYR B 181 20.88 -13.97 -20.19
CA TYR B 181 21.31 -13.78 -18.81
C TYR B 181 21.40 -15.12 -18.08
N VAL B 182 20.36 -15.95 -18.19
CA VAL B 182 20.28 -17.28 -17.57
C VAL B 182 21.07 -18.36 -18.34
N ALA B 183 21.58 -18.02 -19.54
CA ALA B 183 22.37 -18.93 -20.39
C ALA B 183 23.66 -19.41 -19.73
N VAL B 184 23.98 -20.69 -20.00
CA VAL B 184 25.13 -21.43 -19.47
C VAL B 184 26.46 -21.05 -20.16
N GLU B 185 27.50 -20.80 -19.35
CA GLU B 185 28.87 -20.47 -19.76
C GLU B 185 29.74 -21.74 -19.67
N GLN B 186 30.69 -21.91 -20.60
CA GLN B 186 31.57 -23.08 -20.62
C GLN B 186 32.95 -22.76 -20.09
N LEU B 187 33.35 -23.44 -19.00
CA LEU B 187 34.66 -23.24 -18.38
C LEU B 187 35.63 -24.32 -18.89
N ASP B 188 36.28 -24.03 -20.03
CA ASP B 188 37.17 -24.94 -20.74
C ASP B 188 38.58 -24.36 -20.92
N GLY B 189 39.53 -25.27 -21.13
CA GLY B 189 40.94 -24.99 -21.40
C GLY B 189 41.63 -24.04 -20.44
N ASP B 190 41.93 -22.83 -20.95
CA ASP B 190 42.60 -21.75 -20.22
C ASP B 190 41.75 -21.20 -19.07
N ASN B 191 40.41 -21.18 -19.24
CA ASN B 191 39.49 -20.70 -18.21
C ASN B 191 38.78 -21.86 -17.48
N LYS B 192 39.56 -22.90 -17.12
CA LYS B 192 39.06 -24.09 -16.41
C LYS B 192 38.76 -23.75 -14.95
N TYR B 193 37.82 -24.50 -14.33
CA TYR B 193 37.38 -24.27 -12.96
C TYR B 193 38.18 -25.02 -11.90
N ASP B 194 38.61 -24.30 -10.86
CA ASP B 194 39.34 -24.84 -9.71
C ASP B 194 38.34 -25.59 -8.81
N ALA B 195 38.18 -26.91 -9.07
CA ALA B 195 37.27 -27.78 -8.32
C ALA B 195 37.85 -28.27 -6.99
N GLY B 196 38.88 -27.56 -6.51
CA GLY B 196 39.57 -27.81 -5.25
C GLY B 196 40.28 -29.14 -5.20
N GLU B 197 39.69 -30.09 -4.47
CA GLU B 197 40.19 -31.46 -4.28
C GLU B 197 40.15 -32.29 -5.58
N HIS B 198 39.31 -31.89 -6.56
CA HIS B 198 39.16 -32.57 -7.85
C HIS B 198 40.05 -31.95 -8.94
N GLY B 199 40.85 -30.94 -8.56
CA GLY B 199 41.77 -30.23 -9.44
C GLY B 199 41.07 -29.33 -10.43
N LEU B 200 41.75 -29.00 -11.54
CA LEU B 200 41.17 -28.17 -12.59
C LEU B 200 40.20 -29.02 -13.39
N GLN B 201 38.91 -28.64 -13.38
CA GLN B 201 37.86 -29.39 -14.04
C GLN B 201 37.07 -28.54 -15.01
N GLU B 202 36.62 -29.16 -16.12
CA GLU B 202 35.79 -28.51 -17.13
C GLU B 202 34.37 -28.46 -16.56
N ALA B 203 33.81 -27.25 -16.41
CA ALA B 203 32.50 -27.08 -15.80
C ALA B 203 31.58 -26.09 -16.51
N GLU B 204 30.30 -26.04 -16.08
CA GLU B 204 29.26 -25.16 -16.60
C GLU B 204 28.82 -24.16 -15.53
N LYS B 205 28.90 -22.84 -15.86
CA LYS B 205 28.53 -21.75 -14.97
C LYS B 205 27.28 -21.02 -15.48
N GLY B 206 26.32 -20.79 -14.60
CA GLY B 206 25.09 -20.07 -14.94
C GLY B 206 24.41 -19.42 -13.75
N VAL B 207 23.38 -18.61 -14.02
CA VAL B 207 22.59 -17.97 -12.98
C VAL B 207 21.15 -18.43 -13.08
N LYS B 208 20.46 -18.50 -11.93
CA LYS B 208 19.07 -18.90 -11.85
C LYS B 208 18.35 -17.99 -10.85
N PHE B 209 17.22 -17.40 -11.25
CA PHE B 209 16.47 -16.51 -10.36
C PHE B 209 15.64 -17.31 -9.36
N LEU B 210 15.68 -16.89 -8.09
CA LEU B 210 14.88 -17.48 -7.02
C LEU B 210 13.65 -16.59 -6.78
N THR B 211 13.88 -15.25 -6.68
CA THR B 211 12.85 -14.22 -6.48
C THR B 211 13.22 -12.97 -7.26
N LEU B 212 12.20 -12.19 -7.64
CA LEU B 212 12.33 -10.91 -8.31
C LEU B 212 11.81 -9.83 -7.35
N PRO B 213 12.44 -8.63 -7.26
CA PRO B 213 11.99 -7.65 -6.26
C PRO B 213 10.70 -6.93 -6.64
N PRO B 214 9.98 -6.27 -5.69
CA PRO B 214 8.77 -5.52 -6.08
C PRO B 214 9.08 -4.39 -7.08
N VAL B 215 10.24 -3.75 -6.92
CA VAL B 215 10.72 -2.69 -7.80
C VAL B 215 11.90 -3.22 -8.63
N LEU B 216 11.64 -3.48 -9.92
CA LEU B 216 12.63 -4.02 -10.85
C LEU B 216 13.27 -2.92 -11.69
N HIS B 217 14.58 -2.70 -11.47
CA HIS B 217 15.38 -1.73 -12.23
C HIS B 217 16.25 -2.49 -13.21
N LEU B 218 15.98 -2.29 -14.50
CA LEU B 218 16.67 -2.98 -15.56
C LEU B 218 17.60 -2.05 -16.29
N GLN B 219 18.91 -2.29 -16.16
CA GLN B 219 19.91 -1.49 -16.87
C GLN B 219 20.18 -2.12 -18.21
N LEU B 220 19.91 -1.38 -19.27
CA LEU B 220 20.10 -1.85 -20.64
C LEU B 220 21.50 -1.40 -21.05
N MET B 221 22.42 -2.38 -21.20
CA MET B 221 23.81 -2.19 -21.54
C MET B 221 23.99 -1.63 -22.97
N ARG B 222 23.64 -0.35 -23.16
CA ARG B 222 23.78 0.36 -24.42
C ARG B 222 25.16 1.02 -24.46
N PHE B 223 25.65 1.44 -23.28
CA PHE B 223 26.95 2.10 -23.11
C PHE B 223 28.02 1.06 -22.75
N MET B 224 28.60 0.44 -23.80
CA MET B 224 29.65 -0.59 -23.78
C MET B 224 29.24 -1.84 -23.00
N ILE B 233 31.73 4.00 -25.74
CA ILE B 233 30.89 3.73 -26.91
C ILE B 233 29.42 3.62 -26.54
N LYS B 234 28.51 3.96 -27.50
CA LYS B 234 27.06 3.91 -27.30
C LYS B 234 26.32 3.20 -28.47
N ILE B 235 25.71 2.03 -28.16
CA ILE B 235 24.94 1.18 -29.07
C ILE B 235 23.51 1.75 -29.16
N ASN B 236 22.98 1.92 -30.38
CA ASN B 236 21.64 2.47 -30.63
C ASN B 236 20.70 1.52 -31.38
N ASP B 237 21.06 0.22 -31.43
CA ASP B 237 20.29 -0.83 -32.10
C ASP B 237 18.88 -0.95 -31.50
N ARG B 238 17.89 -1.32 -32.34
CA ARG B 238 16.50 -1.50 -31.89
C ARG B 238 16.41 -2.58 -30.82
N PHE B 239 15.81 -2.22 -29.66
CA PHE B 239 15.62 -3.09 -28.51
C PHE B 239 14.20 -2.89 -27.93
N GLU B 240 13.37 -3.93 -28.02
CA GLU B 240 11.98 -3.93 -27.59
C GLU B 240 11.77 -4.32 -26.13
N PHE B 241 10.85 -3.61 -25.47
CA PHE B 241 10.45 -3.86 -24.10
C PHE B 241 8.92 -3.77 -23.99
N PRO B 242 8.23 -4.70 -23.27
CA PRO B 242 6.77 -4.61 -23.19
C PRO B 242 6.24 -3.72 -22.08
N GLU B 243 4.92 -3.46 -22.10
CA GLU B 243 4.22 -2.72 -21.05
C GLU B 243 4.03 -3.68 -19.88
N GLN B 244 3.76 -4.97 -20.20
CA GLN B 244 3.57 -6.07 -19.25
C GLN B 244 4.64 -7.12 -19.51
N LEU B 245 5.45 -7.43 -18.48
CA LEU B 245 6.56 -8.38 -18.58
C LEU B 245 6.39 -9.64 -17.71
N PRO B 246 6.03 -10.80 -18.31
CA PRO B 246 5.89 -12.03 -17.51
C PRO B 246 7.25 -12.70 -17.30
N LEU B 247 7.72 -12.75 -16.05
CA LEU B 247 9.05 -13.30 -15.75
C LEU B 247 9.05 -14.62 -14.99
N ASP B 248 7.85 -15.23 -14.78
CA ASP B 248 7.65 -16.52 -14.10
C ASP B 248 8.46 -17.65 -14.73
N GLU B 249 8.61 -17.65 -16.07
CA GLU B 249 9.37 -18.68 -16.80
C GLU B 249 10.89 -18.64 -16.54
N PHE B 250 11.40 -17.57 -15.86
CA PHE B 250 12.82 -17.44 -15.51
C PHE B 250 13.11 -17.80 -14.05
N LEU B 251 12.04 -18.03 -13.25
CA LEU B 251 12.15 -18.42 -11.85
C LEU B 251 12.32 -19.94 -11.76
N GLN B 252 12.96 -20.43 -10.69
CA GLN B 252 13.14 -21.86 -10.46
C GLN B 252 11.80 -22.47 -10.05
N LYS B 253 11.09 -21.85 -9.09
CA LYS B 253 9.78 -22.27 -8.62
C LYS B 253 8.80 -21.09 -8.68
N THR B 254 7.61 -21.31 -9.27
CA THR B 254 6.57 -20.29 -9.43
C THR B 254 5.44 -20.43 -8.40
N ASP B 255 4.92 -19.29 -7.94
CA ASP B 255 3.81 -19.21 -7.00
C ASP B 255 2.52 -18.94 -7.78
N PRO B 256 1.47 -19.77 -7.63
CA PRO B 256 0.22 -19.50 -8.37
C PRO B 256 -0.53 -18.28 -7.86
N LYS B 257 -0.43 -17.99 -6.54
CA LYS B 257 -1.08 -16.84 -5.89
C LYS B 257 -0.33 -15.52 -6.12
N ASP B 258 0.95 -15.59 -6.55
CA ASP B 258 1.80 -14.42 -6.82
C ASP B 258 2.71 -14.62 -8.06
N PRO B 259 2.19 -14.49 -9.30
CA PRO B 259 3.05 -14.64 -10.48
C PRO B 259 4.00 -13.45 -10.67
N ALA B 260 5.12 -13.66 -11.40
CA ALA B 260 6.12 -12.62 -11.66
C ALA B 260 5.77 -11.71 -12.85
N ASN B 261 4.53 -11.17 -12.83
CA ASN B 261 4.04 -10.26 -13.87
C ASN B 261 4.43 -8.84 -13.47
N TYR B 262 5.22 -8.17 -14.34
CA TYR B 262 5.75 -6.84 -14.09
C TYR B 262 5.12 -5.79 -14.97
N ILE B 263 4.82 -4.64 -14.38
CA ILE B 263 4.16 -3.50 -15.04
C ILE B 263 5.19 -2.40 -15.25
N LEU B 264 5.39 -1.99 -16.53
CA LEU B 264 6.32 -0.92 -16.86
C LEU B 264 5.86 0.40 -16.22
N HIS B 265 6.74 1.00 -15.43
CA HIS B 265 6.50 2.24 -14.70
C HIS B 265 7.31 3.43 -15.25
N ALA B 266 8.64 3.24 -15.45
CA ALA B 266 9.51 4.29 -15.96
C ALA B 266 10.39 3.86 -17.10
N VAL B 267 10.61 4.78 -18.05
CA VAL B 267 11.47 4.57 -19.22
C VAL B 267 12.49 5.72 -19.26
N LEU B 268 13.74 5.48 -18.78
CA LEU B 268 14.82 6.47 -18.78
C LEU B 268 15.46 6.48 -20.17
N VAL B 269 15.33 7.60 -20.90
CA VAL B 269 15.75 7.78 -22.28
C VAL B 269 16.98 8.69 -22.45
N HIS B 270 17.76 8.46 -23.52
CA HIS B 270 18.94 9.23 -23.92
C HIS B 270 19.02 9.42 -25.44
N SER B 271 19.32 10.65 -25.89
CA SER B 271 19.50 10.99 -27.30
C SER B 271 20.96 11.34 -27.56
N GLY B 272 21.63 10.55 -28.42
CA GLY B 272 23.03 10.74 -28.77
C GLY B 272 23.74 9.55 -29.38
N ASP B 273 25.04 9.72 -29.71
CA ASP B 273 25.91 8.69 -30.33
C ASP B 273 27.22 8.55 -29.55
N ASN B 274 27.91 9.69 -29.33
CA ASN B 274 29.19 9.82 -28.62
C ASN B 274 29.19 11.15 -27.86
N HIS B 275 28.64 12.21 -28.51
CA HIS B 275 28.54 13.59 -28.03
C HIS B 275 27.07 14.09 -28.03
N GLY B 276 26.87 15.25 -27.40
CA GLY B 276 25.58 15.96 -27.28
C GLY B 276 24.44 15.09 -26.81
N GLY B 277 24.52 14.66 -25.56
CA GLY B 277 23.52 13.79 -24.95
C GLY B 277 22.44 14.50 -24.15
N HIS B 278 21.15 14.19 -24.48
CA HIS B 278 19.98 14.74 -23.78
C HIS B 278 19.21 13.61 -23.09
N TYR B 279 18.99 13.75 -21.76
CA TYR B 279 18.34 12.78 -20.90
C TYR B 279 16.93 13.22 -20.48
N VAL B 280 15.94 12.35 -20.77
CA VAL B 280 14.52 12.54 -20.46
C VAL B 280 13.99 11.23 -19.82
N VAL B 281 12.92 11.32 -19.01
CA VAL B 281 12.28 10.15 -18.39
C VAL B 281 10.77 10.17 -18.62
N TYR B 282 10.22 8.99 -18.97
CA TYR B 282 8.80 8.78 -19.17
C TYR B 282 8.28 7.98 -17.98
N LEU B 283 7.14 8.39 -17.42
CA LEU B 283 6.54 7.74 -16.27
C LEU B 283 5.03 7.78 -16.37
N ASN B 284 4.38 6.75 -15.84
CA ASN B 284 2.93 6.67 -15.61
C ASN B 284 2.92 6.49 -14.08
N PRO B 285 3.03 7.62 -13.32
CA PRO B 285 3.23 7.52 -11.86
C PRO B 285 2.27 6.64 -11.06
N LYS B 286 0.99 6.60 -11.44
CA LYS B 286 -0.02 5.81 -10.76
C LYS B 286 -0.07 4.34 -11.23
N GLY B 287 0.65 4.03 -12.31
CA GLY B 287 0.68 2.69 -12.89
C GLY B 287 -0.57 2.35 -13.68
N ASP B 288 -1.33 3.40 -14.03
CA ASP B 288 -2.61 3.36 -14.75
C ASP B 288 -2.49 3.37 -16.27
N GLY B 289 -1.27 3.51 -16.78
CA GLY B 289 -1.00 3.55 -18.22
C GLY B 289 -1.17 4.92 -18.84
N LYS B 290 -1.37 5.95 -17.99
CA LYS B 290 -1.50 7.33 -18.44
C LYS B 290 -0.13 7.95 -18.23
N TRP B 291 0.65 8.04 -19.32
CA TRP B 291 2.04 8.50 -19.33
C TRP B 291 2.23 10.00 -19.42
N CYS B 292 3.42 10.45 -18.98
CA CYS B 292 3.91 11.84 -19.00
C CYS B 292 5.39 11.82 -19.37
N LYS B 293 5.83 12.83 -20.13
CA LYS B 293 7.22 13.05 -20.52
C LYS B 293 7.81 14.06 -19.51
N PHE B 294 8.89 13.69 -18.81
CA PHE B 294 9.56 14.53 -17.82
C PHE B 294 10.90 15.05 -18.39
N ASP B 295 10.80 16.06 -19.26
CA ASP B 295 11.96 16.69 -19.89
C ASP B 295 12.35 17.90 -19.04
N ASP B 296 13.29 17.69 -18.10
CA ASP B 296 13.81 18.65 -17.12
C ASP B 296 12.68 19.43 -16.42
N ASP B 297 12.46 20.70 -16.80
CA ASP B 297 11.43 21.58 -16.22
C ASP B 297 10.06 21.48 -16.92
N VAL B 298 10.02 20.89 -18.14
CA VAL B 298 8.80 20.72 -18.94
C VAL B 298 8.23 19.30 -18.76
N VAL B 299 7.06 19.22 -18.10
CA VAL B 299 6.32 17.99 -17.84
C VAL B 299 5.00 18.07 -18.62
N SER B 300 4.90 17.24 -19.66
CA SER B 300 3.74 17.20 -20.55
C SER B 300 3.21 15.77 -20.72
N ARG B 301 1.88 15.62 -20.86
CA ARG B 301 1.24 14.33 -21.07
C ARG B 301 1.63 13.78 -22.44
N CYS B 302 1.93 12.48 -22.52
CA CYS B 302 2.31 11.84 -23.77
C CYS B 302 1.52 10.54 -23.96
N THR B 303 1.59 9.97 -25.17
CA THR B 303 0.93 8.71 -25.52
C THR B 303 1.79 7.54 -25.00
N LYS B 304 1.25 6.30 -25.04
CA LYS B 304 2.00 5.08 -24.64
C LYS B 304 3.14 4.83 -25.64
N GLU B 305 2.91 5.14 -26.92
CA GLU B 305 3.84 4.98 -28.03
C GLU B 305 5.08 5.85 -27.85
N GLU B 306 4.90 7.13 -27.47
CA GLU B 306 6.00 8.08 -27.22
C GLU B 306 6.92 7.58 -26.10
N ALA B 307 6.34 6.90 -25.11
CA ALA B 307 7.02 6.38 -23.93
C ALA B 307 7.65 5.01 -24.12
N ILE B 308 6.98 4.12 -24.86
CA ILE B 308 7.44 2.74 -25.07
C ILE B 308 8.10 2.57 -26.44
N GLU B 309 7.31 2.29 -27.49
CA GLU B 309 7.74 2.00 -28.87
C GLU B 309 8.69 3.02 -29.51
N HIS B 310 8.47 4.33 -29.26
CA HIS B 310 9.34 5.39 -29.82
C HIS B 310 10.74 5.38 -29.21
N ASN B 311 10.91 4.67 -28.08
CA ASN B 311 12.20 4.57 -27.38
C ASN B 311 12.86 3.20 -27.55
N TYR B 312 12.45 2.46 -28.59
CA TYR B 312 13.04 1.16 -28.93
C TYR B 312 14.37 1.39 -29.65
N GLY B 313 14.43 2.44 -30.48
CA GLY B 313 15.60 2.78 -31.28
C GLY B 313 15.59 2.12 -32.64
N GLY B 314 16.72 2.23 -33.35
CA GLY B 314 16.90 1.64 -34.69
C GLY B 314 17.05 2.62 -35.83
N HIS B 315 16.74 2.14 -37.06
CA HIS B 315 16.83 2.88 -38.34
C HIS B 315 18.23 3.40 -38.66
N HIS B 323 16.13 8.69 -36.93
CA HIS B 323 16.52 9.47 -35.77
C HIS B 323 17.22 8.62 -34.69
N CYS B 324 17.80 9.27 -33.66
CA CYS B 324 18.56 8.63 -32.59
C CYS B 324 18.00 8.91 -31.18
N THR B 325 17.11 8.03 -30.70
CA THR B 325 16.45 8.11 -29.39
C THR B 325 16.10 6.70 -28.89
N ASN B 326 16.55 6.36 -27.67
CA ASN B 326 16.34 5.04 -27.08
C ASN B 326 16.42 5.02 -25.55
N ALA B 327 15.85 3.97 -24.93
CA ALA B 327 15.88 3.76 -23.49
C ALA B 327 17.19 3.14 -23.07
N TYR B 328 17.72 3.53 -21.90
CA TYR B 328 18.96 2.96 -21.35
C TYR B 328 18.70 2.25 -20.01
N MET B 329 17.63 2.64 -19.30
CA MET B 329 17.21 2.05 -18.04
C MET B 329 15.69 1.96 -17.96
N LEU B 330 15.18 0.82 -17.46
CA LEU B 330 13.74 0.60 -17.32
C LEU B 330 13.33 0.26 -15.90
N VAL B 331 12.14 0.69 -15.51
CA VAL B 331 11.59 0.40 -14.18
C VAL B 331 10.27 -0.33 -14.33
N TYR B 332 10.20 -1.55 -13.78
CA TYR B 332 9.01 -2.39 -13.77
C TYR B 332 8.60 -2.60 -12.33
N ILE B 333 7.30 -2.59 -12.04
CA ILE B 333 6.77 -2.87 -10.69
C ILE B 333 5.90 -4.12 -10.78
N ARG B 334 6.09 -5.09 -9.85
CA ARG B 334 5.29 -6.32 -9.78
C ARG B 334 3.83 -5.99 -9.60
N GLU B 335 2.94 -6.58 -10.42
CA GLU B 335 1.48 -6.36 -10.39
C GLU B 335 0.87 -6.47 -8.99
N SER B 336 1.32 -7.46 -8.19
CA SER B 336 0.84 -7.69 -6.84
C SER B 336 1.28 -6.61 -5.86
N LYS B 337 2.45 -5.99 -6.11
CA LYS B 337 3.02 -4.95 -5.24
C LYS B 337 2.77 -3.51 -5.75
N LEU B 338 2.15 -3.37 -6.94
CA LEU B 338 1.80 -2.12 -7.60
C LEU B 338 1.13 -1.12 -6.63
N SER B 339 0.05 -1.55 -5.95
CA SER B 339 -0.75 -0.76 -4.99
C SER B 339 0.01 -0.32 -3.73
N GLU B 340 0.91 -1.16 -3.21
CA GLU B 340 1.71 -0.88 -2.02
C GLU B 340 2.85 0.06 -2.37
N VAL B 341 3.60 -0.24 -3.45
CA VAL B 341 4.74 0.57 -3.91
C VAL B 341 4.24 1.97 -4.28
N LEU B 342 3.14 2.03 -5.04
CA LEU B 342 2.54 3.29 -5.51
C LEU B 342 1.39 3.78 -4.62
N GLN B 343 1.52 3.56 -3.27
CA GLN B 343 0.56 4.00 -2.24
C GLN B 343 0.46 5.53 -2.24
N ALA B 344 -0.73 6.08 -1.94
CA ALA B 344 -0.95 7.52 -1.95
C ALA B 344 -0.12 8.25 -0.89
N VAL B 345 0.58 9.33 -1.31
CA VAL B 345 1.39 10.18 -0.43
C VAL B 345 0.72 11.55 -0.29
N THR B 346 0.46 11.97 0.96
CA THR B 346 -0.18 13.24 1.29
C THR B 346 0.77 14.13 2.11
N ASP B 347 0.33 15.37 2.43
CA ASP B 347 1.10 16.33 3.23
C ASP B 347 1.31 15.79 4.65
N HIS B 348 0.35 14.97 5.15
CA HIS B 348 0.37 14.34 6.47
C HIS B 348 1.41 13.22 6.60
N ASP B 349 1.90 12.72 5.45
CA ASP B 349 2.93 11.67 5.40
C ASP B 349 4.35 12.27 5.60
N ILE B 350 4.45 13.62 5.63
CA ILE B 350 5.69 14.35 5.86
C ILE B 350 5.68 14.86 7.31
N PRO B 351 6.69 14.50 8.16
CA PRO B 351 6.69 14.98 9.56
C PRO B 351 6.80 16.50 9.67
N GLN B 352 6.17 17.09 10.71
CA GLN B 352 6.17 18.54 10.97
C GLN B 352 7.59 19.12 11.10
N GLN B 353 8.51 18.38 11.75
CA GLN B 353 9.93 18.73 11.94
C GLN B 353 10.64 18.96 10.59
N LEU B 354 10.31 18.14 9.57
CA LEU B 354 10.86 18.25 8.22
C LEU B 354 10.32 19.51 7.53
N VAL B 355 8.98 19.69 7.56
CA VAL B 355 8.26 20.83 6.97
C VAL B 355 8.81 22.14 7.54
N GLU B 356 8.85 22.25 8.88
CA GLU B 356 9.36 23.40 9.62
C GLU B 356 10.77 23.82 9.16
N ARG B 357 11.68 22.84 8.97
CA ARG B 357 13.05 23.08 8.54
C ARG B 357 13.14 23.60 7.10
N LEU B 358 12.39 22.97 6.17
CA LEU B 358 12.41 23.36 4.76
C LEU B 358 11.67 24.68 4.52
N GLN B 359 10.65 24.98 5.35
CA GLN B 359 9.92 26.25 5.27
C GLN B 359 10.82 27.40 5.73
N GLU B 360 11.63 27.16 6.79
CA GLU B 360 12.61 28.11 7.33
C GLU B 360 13.68 28.39 6.30
N GLU B 361 14.15 27.35 5.58
CA GLU B 361 15.16 27.42 4.52
C GLU B 361 14.67 28.28 3.36
N LYS B 362 13.36 28.21 3.06
CA LYS B 362 12.69 28.99 2.02
C LYS B 362 12.64 30.45 2.43
N ARG B 363 12.38 30.72 3.74
CA ARG B 363 12.32 32.06 4.33
C ARG B 363 13.67 32.78 4.27
N ILE B 364 14.77 32.05 4.59
CA ILE B 364 16.15 32.54 4.57
C ILE B 364 16.54 32.99 3.15
N GLU B 365 16.26 32.14 2.13
CA GLU B 365 16.55 32.42 0.73
C GLU B 365 15.66 33.51 0.13
N ALA B 366 14.45 33.72 0.70
CA ALA B 366 13.52 34.76 0.28
C ALA B 366 14.04 36.17 0.65
N GLN B 367 15.01 36.25 1.60
CA GLN B 367 15.67 37.48 2.05
C GLN B 367 16.80 37.85 1.09
C7 8JM C . -14.98 3.88 16.69
C9 8JM C . -14.98 1.82 15.23
C2 8JM C . -11.98 1.73 15.58
C10 8JM C . -14.76 1.72 13.84
C4 8JM C . -12.24 3.80 17.06
C1 8JM C . -11.31 2.25 14.31
C3 8JM C . -12.84 2.81 16.24
C5 8JM C . -13.05 4.80 17.62
N6 8JM C . -14.36 4.79 17.43
C8 8JM C . -14.26 2.84 16.05
C11 8JM C . -15.40 0.75 13.08
C12 8JM C . -16.29 -0.12 13.72
C13 8JM C . -16.54 -0.02 15.09
C14 8JM C . -15.88 0.93 15.85
O15 8JM C . -16.92 -1.08 13.00
N16 8JM C . -16.36 3.99 16.57
C17 8JM C . -10.77 3.86 17.29
C18 8JM C . -10.12 2.91 18.11
C19 8JM C . -8.75 2.94 18.25
C20 8JM C . -7.99 3.92 17.60
C21 8JM C . -8.63 4.89 16.78
C22 8JM C . -10.02 4.83 16.63
C23 8JM C . -7.59 5.76 16.26
N24 8JM C . -6.45 5.31 16.71
N25 8JM C . -6.65 4.21 17.56
H26 8JM C . -5.97 3.71 18.03
C7 8JM D . 22.78 -1.87 -6.89
C9 8JM D . 21.01 -0.26 -7.64
C2 8JM D . 20.51 0.34 -4.71
C10 8JM D . 19.66 -0.58 -7.89
C4 8JM D . 22.37 -1.33 -4.23
C1 8JM D . 19.21 -0.38 -4.35
C3 8JM D . 21.56 -0.65 -5.19
C5 8JM D . 23.33 -2.25 -4.68
N6 8JM D . 23.50 -2.49 -5.97
C8 8JM D . 21.77 -0.93 -6.56
C11 8JM D . 18.97 0.05 -8.91
C12 8JM D . 19.63 0.99 -9.74
C13 8JM D . 20.98 1.27 -9.53
C14 8JM D . 21.67 0.66 -8.47
O15 8JM D . 18.97 1.59 -10.76
N16 8JM D . 23.08 -2.18 -8.22
C17 8JM D . 22.25 -1.13 -2.77
C18 8JM D . 22.90 -0.05 -2.13
C19 8JM D . 22.82 0.12 -0.77
C20 8JM D . 22.09 -0.79 0.00
C21 8JM D . 21.45 -1.88 -0.62
C22 8JM D . 21.53 -2.05 -2.00
C23 8JM D . 20.78 -2.62 0.46
N24 8JM D . 21.03 -2.02 1.58
N25 8JM D . 21.82 -0.88 1.34
H26 8JM D . 22.14 -0.27 2.03
#